data_9IS2
#
_entry.id   9IS2
#
_cell.length_a   89.019
_cell.length_b   63.097
_cell.length_c   121.850
_cell.angle_alpha   90.000
_cell.angle_beta   91.310
_cell.angle_gamma   90.000
#
_symmetry.space_group_name_H-M   'P 1 21 1'
#
loop_
_entity.id
_entity.type
_entity.pdbx_description
1 polymer 'Beta-conglycinin beta subunit 2'
2 water water
#
_entity_poly.entity_id   1
_entity_poly.type   'polypeptide(L)'
_entity_poly.pdbx_seq_one_letter_code
;NNPFYLRSSNSFQTLFENQNGRIRLLQRFNKRSPQLENLRDYRIVQFQSKPNTILLPHHADADFLLFVLSGRAILTLVNN
DDRDSYNLHPGDAQRIPAGTTYYLVNPHDHQNLKIIKLAIPVNKPGRYDDFFLSSTQAQQSYLQGFSHNILETSFHSEFE
EINRVLLGEEEEQRQQEGVIVELSKEQIRQLSRRAKSSSRKTISSEDEPFNLRSRNPIYSNNFGKFFEITPEKNPQLRDL
DIFLSSVDINEGALLLPHFNSKAIVILVINEGDANIELVGIKEQQQKQKQEEEPLEVQRYRAELSEDDVFVIPAAYPFVV
NATSNLNFLAFGINAENNQRNFLAGEKDNVVRQIERQVQELAFPGSAQDVERLLKKQRESYFVDA
;
_entity_poly.pdbx_strand_id   C,A,B
#
# COMPACT_ATOMS: atom_id res chain seq x y z
N ASN A 1 6.17 26.32 -18.99
CA ASN A 1 5.58 25.82 -17.74
C ASN A 1 5.69 24.29 -17.59
N ASN A 2 6.83 23.89 -17.00
CA ASN A 2 7.21 22.54 -16.63
C ASN A 2 6.44 22.09 -15.41
N PRO A 3 5.50 21.15 -15.54
CA PRO A 3 4.82 20.61 -14.34
C PRO A 3 5.76 19.98 -13.34
N PHE A 4 6.89 19.43 -13.80
CA PHE A 4 7.86 18.74 -12.95
C PHE A 4 8.89 19.67 -12.32
N TYR A 5 8.81 20.98 -12.58
CA TYR A 5 9.77 21.94 -12.07
C TYR A 5 9.09 22.76 -11.00
N LEU A 6 9.73 22.84 -9.83
CA LEU A 6 9.25 23.62 -8.69
C LEU A 6 10.33 24.66 -8.35
N ARG A 7 9.99 25.94 -8.50
CA ARG A 7 10.94 27.04 -8.36
C ARG A 7 10.94 27.54 -6.92
N SER A 8 12.13 27.61 -6.31
CA SER A 8 12.22 28.04 -4.92
C SER A 8 11.53 29.38 -4.69
N SER A 9 11.69 30.32 -5.63
CA SER A 9 11.16 31.67 -5.41
C SER A 9 9.66 31.67 -5.10
N ASN A 10 8.90 30.69 -5.65
CA ASN A 10 7.45 30.66 -5.48
C ASN A 10 6.88 29.26 -5.21
N SER A 11 7.69 28.25 -4.93
CA SER A 11 7.16 26.94 -4.61
C SER A 11 7.18 26.58 -3.13
N PHE A 12 7.79 27.41 -2.27
CA PHE A 12 7.94 27.09 -0.85
C PHE A 12 7.00 27.91 0.01
N GLN A 13 6.75 27.41 1.22
CA GLN A 13 5.90 28.09 2.19
C GLN A 13 6.58 28.00 3.54
N THR A 14 6.80 29.16 4.17
CA THR A 14 7.62 29.25 5.37
C THR A 14 6.79 28.84 6.56
N LEU A 15 7.19 27.77 7.25
CA LEU A 15 6.47 27.38 8.45
C LEU A 15 6.88 28.21 9.65
N PHE A 16 8.18 28.45 9.81
CA PHE A 16 8.67 29.31 10.87
C PHE A 16 9.91 30.02 10.38
N GLU A 17 10.10 31.25 10.86
CA GLU A 17 11.26 32.04 10.46
C GLU A 17 11.46 33.20 11.43
N ASN A 18 12.66 33.29 11.98
CA ASN A 18 13.12 34.47 12.68
C ASN A 18 14.55 34.72 12.25
N GLN A 19 15.28 35.54 13.02
CA GLN A 19 16.66 35.88 12.68
C GLN A 19 17.54 34.64 12.67
N ASN A 20 17.20 33.67 13.51
CA ASN A 20 18.06 32.56 13.81
C ASN A 20 17.95 31.41 12.81
N GLY A 21 16.94 31.40 11.95
CA GLY A 21 16.81 30.37 10.93
C GLY A 21 15.38 30.32 10.42
N ARG A 22 15.12 29.34 9.55
CA ARG A 22 13.77 29.24 8.98
C ARG A 22 13.53 27.86 8.35
N ILE A 23 12.33 27.35 8.60
CA ILE A 23 11.87 26.07 8.09
C ILE A 23 10.91 26.34 6.93
N ARG A 24 11.26 25.87 5.74
CA ARG A 24 10.43 26.05 4.56
C ARG A 24 9.89 24.71 4.12
N LEU A 25 8.66 24.71 3.61
CA LEU A 25 7.95 23.47 3.31
C LEU A 25 7.46 23.55 1.87
N LEU A 26 7.95 22.65 1.03
CA LEU A 26 7.67 22.73 -0.40
C LEU A 26 6.20 22.43 -0.67
N GLN A 27 5.66 22.95 -1.76
CA GLN A 27 4.26 22.66 -2.02
C GLN A 27 4.11 21.20 -2.35
N ARG A 28 2.89 20.70 -2.09
CA ARG A 28 2.53 19.32 -2.41
C ARG A 28 2.84 19.03 -3.86
N PHE A 29 3.41 17.86 -4.10
CA PHE A 29 3.78 17.52 -5.46
C PHE A 29 2.56 17.40 -6.34
N ASN A 30 1.42 16.97 -5.77
CA ASN A 30 0.20 16.70 -6.52
C ASN A 30 -0.66 17.94 -6.73
N LYS A 31 -0.55 18.96 -5.86
CA LYS A 31 -1.28 20.20 -6.09
C LYS A 31 -0.76 20.90 -7.35
N ARG A 32 0.54 20.81 -7.60
CA ARG A 32 1.13 21.43 -8.79
C ARG A 32 0.49 20.91 -10.06
N SER A 33 0.50 19.58 -10.26
CA SER A 33 -0.07 18.91 -11.46
C SER A 33 -0.48 17.48 -11.13
N PRO A 34 -1.68 17.05 -11.50
CA PRO A 34 -2.09 15.66 -11.21
C PRO A 34 -1.12 14.62 -11.76
N GLN A 35 -0.24 14.99 -12.70
CA GLN A 35 0.76 14.08 -13.23
C GLN A 35 1.58 13.41 -12.13
N LEU A 36 1.88 14.14 -11.06
CA LEU A 36 2.64 13.65 -9.91
C LEU A 36 1.74 13.06 -8.82
N GLU A 37 0.69 12.33 -9.16
CA GLU A 37 -0.23 11.91 -8.11
C GLU A 37 0.39 10.84 -7.23
N ASN A 38 1.48 10.21 -7.65
CA ASN A 38 2.07 9.19 -6.81
C ASN A 38 2.90 9.74 -5.65
N LEU A 39 3.43 10.96 -5.77
CA LEU A 39 4.23 11.56 -4.72
C LEU A 39 3.40 12.25 -3.66
N ARG A 40 2.06 12.21 -3.79
CA ARG A 40 1.19 12.96 -2.89
C ARG A 40 1.54 12.73 -1.42
N ASP A 41 2.11 11.59 -1.07
CA ASP A 41 2.47 11.34 0.32
C ASP A 41 3.84 11.89 0.68
N TYR A 42 4.49 12.64 -0.20
CA TYR A 42 5.83 13.13 0.05
C TYR A 42 5.88 14.64 0.06
N ARG A 43 6.66 15.17 0.99
CA ARG A 43 6.91 16.60 1.09
C ARG A 43 8.39 16.82 1.28
N ILE A 44 8.88 17.93 0.74
CA ILE A 44 10.26 18.36 0.93
C ILE A 44 10.26 19.52 1.93
N VAL A 45 11.00 19.36 3.01
CA VAL A 45 11.22 20.41 3.98
C VAL A 45 12.67 20.86 3.92
N GLN A 46 12.87 22.16 3.89
CA GLN A 46 14.18 22.78 4.06
C GLN A 46 14.28 23.35 5.46
N PHE A 47 15.38 23.05 6.13
CA PHE A 47 15.68 23.67 7.41
C PHE A 47 17.05 24.34 7.33
N GLN A 48 17.12 25.58 7.84
CA GLN A 48 18.34 26.38 7.83
C GLN A 48 18.46 27.12 9.14
N SER A 49 19.63 27.07 9.77
CA SER A 49 19.83 27.82 11.00
C SER A 49 21.16 28.55 11.02
N LYS A 50 21.21 29.56 11.87
CA LYS A 50 22.40 30.35 12.16
C LYS A 50 23.24 29.66 13.23
N PRO A 51 24.52 30.03 13.36
CA PRO A 51 25.39 29.35 14.32
C PRO A 51 24.94 29.52 15.77
N ASN A 52 25.37 28.57 16.59
CA ASN A 52 25.00 28.47 18.00
C ASN A 52 23.48 28.58 18.20
N THR A 53 22.71 27.80 17.43
CA THR A 53 21.26 27.76 17.57
C THR A 53 20.80 26.36 17.91
N ILE A 54 19.59 26.29 18.45
CA ILE A 54 18.93 25.02 18.71
C ILE A 54 17.46 25.14 18.32
N LEU A 55 16.95 24.10 17.63
CA LEU A 55 15.53 23.95 17.33
C LEU A 55 14.87 23.21 18.49
N LEU A 56 13.94 23.87 19.19
CA LEU A 56 13.46 23.37 20.47
C LEU A 56 12.75 22.02 20.30
N PRO A 57 12.50 21.30 21.41
CA PRO A 57 11.94 19.94 21.31
C PRO A 57 10.56 19.89 20.66
N HIS A 58 10.43 19.09 19.62
CA HIS A 58 9.14 18.92 18.99
C HIS A 58 8.99 17.49 18.46
N HIS A 59 7.82 17.20 17.89
CA HIS A 59 7.60 15.96 17.18
C HIS A 59 6.57 16.24 16.10
N ALA A 60 6.68 15.51 14.99
CA ALA A 60 5.69 15.61 13.91
C ALA A 60 4.87 14.31 13.83
N ASP A 61 3.74 14.37 13.15
CA ASP A 61 3.05 13.15 12.75
C ASP A 61 3.53 12.74 11.36
N ALA A 62 4.85 12.50 11.27
CA ALA A 62 5.47 12.28 9.97
C ALA A 62 6.88 11.70 10.03
N ASP A 63 7.08 10.56 9.38
CA ASP A 63 8.41 9.97 9.22
C ASP A 63 9.34 10.95 8.49
N PHE A 64 10.57 11.09 8.96
CA PHE A 64 11.53 11.97 8.32
C PHE A 64 12.77 11.21 7.88
N LEU A 65 13.24 11.53 6.67
CA LEU A 65 14.57 11.14 6.21
C LEU A 65 15.33 12.42 5.91
N LEU A 66 16.21 12.83 6.83
CA LEU A 66 16.85 14.15 6.80
C LEU A 66 18.31 14.05 6.37
N PHE A 67 18.69 14.93 5.45
CA PHE A 67 20.00 14.92 4.79
C PHE A 67 20.70 16.26 5.03
N VAL A 68 21.72 16.27 5.86
CA VAL A 68 22.46 17.50 6.17
C VAL A 68 23.26 17.93 4.94
N LEU A 69 22.87 19.03 4.29
CA LEU A 69 23.61 19.44 3.10
C LEU A 69 24.93 20.12 3.45
N SER A 70 24.91 21.03 4.42
CA SER A 70 26.15 21.67 4.82
C SER A 70 26.03 22.03 6.28
N GLY A 71 27.15 21.97 6.99
CA GLY A 71 27.17 22.29 8.40
C GLY A 71 27.47 21.07 9.25
N ARG A 72 27.00 21.14 10.48
CA ARG A 72 27.20 20.04 11.43
C ARG A 72 26.08 20.15 12.45
N ALA A 73 25.33 19.08 12.64
CA ALA A 73 24.21 19.13 13.56
C ALA A 73 24.40 18.12 14.66
N ILE A 74 23.75 18.35 15.78
CA ILE A 74 23.72 17.40 16.88
C ILE A 74 22.26 17.06 17.12
N LEU A 75 21.81 15.98 16.49
CA LEU A 75 20.42 15.57 16.50
C LEU A 75 20.16 14.67 17.69
N THR A 76 19.21 15.04 18.51
CA THR A 76 18.86 14.25 19.69
C THR A 76 17.40 13.84 19.59
N LEU A 77 17.16 12.58 19.20
CA LEU A 77 15.86 11.93 19.35
C LEU A 77 15.72 11.48 20.80
N VAL A 78 14.68 11.93 21.46
CA VAL A 78 14.38 11.41 22.79
C VAL A 78 13.23 10.40 22.67
N ASN A 79 13.18 9.46 23.61
CA ASN A 79 12.17 8.41 23.65
C ASN A 79 11.50 8.48 25.01
N ASN A 80 10.61 7.53 25.32
CA ASN A 80 9.99 7.64 26.63
C ASN A 80 10.90 7.16 27.76
N ASP A 81 12.03 6.50 27.46
CA ASP A 81 12.98 6.11 28.51
C ASP A 81 14.44 6.33 28.13
N ASP A 82 14.73 6.76 26.91
CA ASP A 82 16.09 6.82 26.40
C ASP A 82 16.30 8.15 25.70
N ARG A 83 17.55 8.43 25.38
CA ARG A 83 17.89 9.63 24.67
C ARG A 83 19.07 9.28 23.79
N ASP A 84 19.05 9.75 22.55
CA ASP A 84 20.06 9.39 21.56
C ASP A 84 20.57 10.66 20.93
N SER A 85 21.89 10.87 20.93
CA SER A 85 22.48 12.04 20.29
C SER A 85 23.33 11.58 19.11
N TYR A 86 23.16 12.25 17.97
CA TYR A 86 23.91 11.89 16.78
C TYR A 86 24.60 13.14 16.22
N ASN A 87 25.92 13.08 16.10
CA ASN A 87 26.71 14.09 15.43
C ASN A 87 26.62 13.87 13.92
N LEU A 88 25.91 14.75 13.22
CA LEU A 88 25.76 14.64 11.77
C LEU A 88 26.72 15.60 11.07
N HIS A 89 27.51 15.09 10.14
CA HIS A 89 28.37 15.86 9.25
C HIS A 89 27.74 15.96 7.89
N PRO A 90 28.14 16.94 7.06
CA PRO A 90 27.57 17.04 5.71
C PRO A 90 27.69 15.69 5.01
N GLY A 91 26.59 15.29 4.36
CA GLY A 91 26.49 14.00 3.71
C GLY A 91 25.84 12.97 4.58
N ASP A 92 25.65 13.25 5.87
CA ASP A 92 25.01 12.30 6.75
C ASP A 92 23.52 12.24 6.48
N ALA A 93 22.98 11.03 6.41
CA ALA A 93 21.55 10.83 6.43
C ALA A 93 21.19 10.11 7.71
N GLN A 94 20.02 10.42 8.24
CA GLN A 94 19.43 9.59 9.27
C GLN A 94 17.92 9.61 9.08
N ARG A 95 17.24 8.84 9.92
CA ARG A 95 15.79 8.71 9.84
C ARG A 95 15.17 8.99 11.21
N ILE A 96 14.22 9.92 11.25
CA ILE A 96 13.49 10.20 12.49
C ILE A 96 12.11 9.57 12.36
N PRO A 97 11.86 8.37 12.96
CA PRO A 97 10.51 7.78 12.89
C PRO A 97 9.49 8.80 13.34
N ALA A 98 8.22 8.63 12.93
CA ALA A 98 7.22 9.64 13.20
C ALA A 98 6.80 9.61 14.65
N GLY A 99 6.42 10.76 15.17
CA GLY A 99 6.06 10.83 16.57
C GLY A 99 7.25 10.71 17.49
N THR A 100 8.47 10.86 16.98
CA THR A 100 9.67 10.90 17.80
C THR A 100 10.00 12.34 18.15
N THR A 101 9.94 12.67 19.43
CA THR A 101 10.39 13.96 19.93
C THR A 101 11.89 14.13 19.70
N TYR A 102 12.28 15.30 19.23
CA TYR A 102 13.69 15.53 18.94
C TYR A 102 14.00 17.03 18.99
N TYR A 103 15.30 17.34 19.06
CA TYR A 103 15.84 18.69 18.85
C TYR A 103 17.09 18.65 17.98
N LEU A 104 17.55 19.83 17.59
CA LEU A 104 18.61 19.98 16.59
C LEU A 104 19.47 21.19 16.96
N VAL A 105 20.78 20.99 17.10
CA VAL A 105 21.68 22.05 17.59
C VAL A 105 22.70 22.39 16.51
N ASN A 106 22.90 23.67 16.25
CA ASN A 106 24.01 24.01 15.38
C ASN A 106 25.20 24.40 16.26
N PRO A 107 26.22 23.56 16.43
CA PRO A 107 27.29 23.90 17.38
C PRO A 107 28.35 24.82 16.79
N HIS A 108 28.47 24.87 15.47
CA HIS A 108 29.47 25.68 14.80
C HIS A 108 29.35 27.15 15.18
N ASP A 109 30.46 27.86 15.01
CA ASP A 109 30.57 29.27 15.41
C ASP A 109 30.41 30.25 14.27
N HIS A 110 30.80 29.86 13.03
CA HIS A 110 30.70 30.78 11.90
C HIS A 110 29.89 30.24 10.73
N GLN A 111 29.56 28.95 10.71
CA GLN A 111 28.92 28.33 9.57
C GLN A 111 27.43 28.16 9.84
N ASN A 112 26.63 28.19 8.76
CA ASN A 112 25.20 27.92 8.85
C ASN A 112 24.93 26.41 8.69
N LEU A 113 23.73 26.02 9.13
CA LEU A 113 23.24 24.64 9.07
C LEU A 113 22.13 24.52 8.03
N LYS A 114 22.37 23.73 6.99
CA LYS A 114 21.44 23.62 5.86
C LYS A 114 21.00 22.15 5.69
N ILE A 115 19.86 21.81 6.28
CA ILE A 115 19.31 20.46 6.25
C ILE A 115 18.09 20.45 5.34
N ILE A 116 17.94 19.37 4.60
CA ILE A 116 16.71 19.12 3.84
C ILE A 116 16.23 17.73 4.23
N LYS A 117 14.95 17.60 4.54
CA LYS A 117 14.37 16.30 4.86
C LYS A 117 13.18 15.97 3.98
N LEU A 118 13.11 14.71 3.56
CA LEU A 118 11.92 14.18 2.93
C LEU A 118 10.96 13.72 4.00
N ALA A 119 9.71 14.16 3.92
CA ALA A 119 8.73 13.96 4.96
C ALA A 119 7.61 13.09 4.43
N ILE A 120 7.16 12.13 5.25
CA ILE A 120 6.10 11.18 4.88
C ILE A 120 4.98 11.24 5.92
N PRO A 121 3.97 12.07 5.72
CA PRO A 121 2.94 12.23 6.76
C PRO A 121 2.14 10.96 7.03
N VAL A 122 1.76 10.79 8.30
CA VAL A 122 1.06 9.59 8.77
C VAL A 122 -0.45 9.73 8.64
N ASN A 123 -1.01 10.81 9.18
CA ASN A 123 -2.45 10.92 9.36
C ASN A 123 -3.19 11.31 8.09
N LYS A 124 -2.80 12.40 7.49
CA LYS A 124 -3.47 12.82 6.28
C LYS A 124 -2.44 12.81 5.17
N PRO A 125 -2.71 12.17 4.03
CA PRO A 125 -1.67 11.99 3.01
C PRO A 125 -1.14 13.32 2.50
N GLY A 126 0.16 13.53 2.67
CA GLY A 126 0.83 14.74 2.23
C GLY A 126 0.73 15.93 3.16
N ARG A 127 0.26 15.76 4.38
CA ARG A 127 0.07 16.89 5.28
C ARG A 127 0.33 16.45 6.71
N TYR A 128 1.26 17.14 7.38
CA TYR A 128 1.56 16.87 8.77
C TYR A 128 1.65 18.19 9.51
N ASP A 129 1.70 18.07 10.83
CA ASP A 129 1.76 19.19 11.74
C ASP A 129 2.91 18.95 12.70
N ASP A 130 3.57 20.04 13.10
CA ASP A 130 4.64 20.00 14.08
C ASP A 130 4.07 20.37 15.44
N PHE A 131 4.55 19.71 16.49
CA PHE A 131 3.95 19.77 17.82
C PHE A 131 5.03 20.13 18.81
N PHE A 132 5.08 21.38 19.24
CA PHE A 132 6.20 21.87 20.04
C PHE A 132 5.87 21.76 21.52
N LEU A 133 6.71 21.02 22.25
CA LEU A 133 6.53 20.84 23.68
C LEU A 133 6.62 22.16 24.43
N SER A 134 7.41 23.08 23.89
CA SER A 134 7.85 24.32 24.49
C SER A 134 6.81 25.41 24.30
N SER A 135 6.77 26.34 25.23
CA SER A 135 5.81 27.44 25.15
C SER A 135 6.56 28.74 24.91
N THR A 136 6.40 29.29 23.69
CA THR A 136 7.21 30.37 23.09
C THR A 136 6.32 31.51 22.60
N GLN A 137 6.90 32.69 22.48
CA GLN A 137 6.18 33.84 21.90
C GLN A 137 5.53 33.50 20.56
N ALA A 138 6.03 32.48 19.85
CA ALA A 138 5.55 32.15 18.52
C ALA A 138 4.51 31.01 18.48
N GLN A 139 4.37 30.26 19.57
CA GLN A 139 3.54 29.09 19.54
C GLN A 139 3.32 28.65 20.98
N GLN A 140 2.12 28.18 21.26
CA GLN A 140 1.91 27.64 22.58
C GLN A 140 2.50 26.22 22.67
N SER A 141 2.81 25.81 23.89
CA SER A 141 3.09 24.41 24.18
C SER A 141 1.82 23.59 24.00
N TYR A 142 1.90 22.49 23.26
CA TYR A 142 0.71 21.64 23.16
C TYR A 142 0.25 21.12 24.52
N LEU A 143 0.99 21.32 25.61
CA LEU A 143 0.33 20.93 26.84
C LEU A 143 -0.77 21.91 27.22
N GLN A 144 -0.91 23.00 26.47
CA GLN A 144 -1.94 23.99 26.79
C GLN A 144 -3.28 23.62 26.21
N GLY A 145 -3.30 22.69 25.24
CA GLY A 145 -4.56 22.14 24.73
C GLY A 145 -5.45 21.64 25.85
N PHE A 146 -4.85 21.04 26.87
CA PHE A 146 -5.59 20.48 27.97
C PHE A 146 -6.17 21.56 28.88
N SER A 147 -7.13 21.17 29.71
CA SER A 147 -7.76 22.09 30.64
C SER A 147 -6.84 22.34 31.81
N HIS A 148 -7.09 23.41 32.55
CA HIS A 148 -6.32 23.62 33.78
C HIS A 148 -6.55 22.46 34.71
N ASN A 149 -7.81 22.06 34.87
CA ASN A 149 -8.19 20.98 35.77
C ASN A 149 -7.37 19.73 35.50
N ILE A 150 -7.25 19.35 34.24
CA ILE A 150 -6.51 18.14 33.88
C ILE A 150 -5.01 18.34 34.15
N LEU A 151 -4.49 19.53 33.83
CA LEU A 151 -3.07 19.83 34.04
C LEU A 151 -2.68 19.74 35.52
N GLU A 152 -3.49 20.33 36.41
CA GLU A 152 -3.20 20.20 37.84
C GLU A 152 -3.08 18.75 38.27
N THR A 153 -4.04 17.90 37.85
CA THR A 153 -4.02 16.49 38.26
C THR A 153 -2.81 15.76 37.68
N SER A 154 -2.61 15.88 36.38
CA SER A 154 -1.57 15.10 35.71
C SER A 154 -0.20 15.36 36.30
N PHE A 155 0.14 16.64 36.54
CA PHE A 155 1.43 17.01 37.14
C PHE A 155 1.41 17.05 38.66
N HIS A 156 0.24 16.95 39.29
CA HIS A 156 0.09 17.00 40.75
C HIS A 156 0.62 18.33 41.30
N SER A 157 0.06 19.43 40.82
CA SER A 157 0.45 20.74 41.29
C SER A 157 -0.63 21.75 40.93
N GLU A 158 -0.67 22.85 41.68
CA GLU A 158 -1.57 23.95 41.35
C GLU A 158 -1.17 24.54 40.00
N PHE A 159 -2.11 25.23 39.35
CA PHE A 159 -1.86 25.65 37.98
C PHE A 159 -0.87 26.82 37.91
N GLU A 160 -1.06 27.83 38.76
CA GLU A 160 -0.12 28.96 38.85
C GLU A 160 1.33 28.47 38.79
N GLU A 161 1.63 27.44 39.59
CA GLU A 161 2.97 26.87 39.60
C GLU A 161 3.33 26.25 38.25
N ILE A 162 2.42 25.51 37.59
CA ILE A 162 2.85 24.88 36.34
C ILE A 162 2.84 25.89 35.20
N ASN A 163 1.95 26.89 35.28
CA ASN A 163 1.92 27.95 34.29
C ASN A 163 3.12 28.90 34.43
N ARG A 164 3.68 29.03 35.64
CA ARG A 164 4.91 29.81 35.76
C ARG A 164 6.14 29.08 35.21
N VAL A 165 6.13 27.75 35.18
CA VAL A 165 7.34 27.00 34.89
C VAL A 165 7.36 26.41 33.47
N LEU A 166 6.21 26.12 32.88
CA LEU A 166 6.20 25.45 31.58
C LEU A 166 5.64 26.32 30.47
N LEU A 167 4.60 27.09 30.76
CA LEU A 167 3.90 27.83 29.72
C LEU A 167 4.29 29.31 29.76
N GLY A 168 4.03 30.01 30.87
CA GLY A 168 4.46 31.39 31.02
C GLY A 168 3.55 32.44 30.38
N GLU A 169 2.25 32.34 30.63
CA GLU A 169 1.21 33.11 29.93
C GLU A 169 1.33 34.64 30.09
N GLN A 173 7.32 37.21 28.27
CA GLN A 173 8.57 37.95 28.50
C GLN A 173 9.70 37.14 29.11
N ARG A 174 9.33 36.16 29.93
CA ARG A 174 10.28 35.15 30.37
C ARG A 174 10.42 34.02 29.37
N GLN A 175 9.76 34.12 28.21
CA GLN A 175 9.79 33.05 27.22
C GLN A 175 10.53 33.50 25.96
N GLN A 176 10.98 32.51 25.21
CA GLN A 176 11.80 32.74 24.03
C GLN A 176 10.99 33.37 22.91
N GLU A 177 11.69 33.81 21.87
CA GLU A 177 11.00 34.50 20.79
C GLU A 177 10.35 33.52 19.83
N GLY A 178 11.02 32.41 19.56
CA GLY A 178 10.62 31.45 18.55
C GLY A 178 11.04 30.04 18.88
N VAL A 179 11.05 29.16 17.88
CA VAL A 179 11.37 27.76 18.10
C VAL A 179 12.79 27.44 17.69
N ILE A 180 13.49 28.45 17.16
CA ILE A 180 14.92 28.41 16.89
C ILE A 180 15.51 29.49 17.80
N VAL A 181 16.07 29.07 18.94
CA VAL A 181 16.66 29.98 19.91
C VAL A 181 18.18 29.94 19.82
N GLU A 182 18.82 31.03 20.28
CA GLU A 182 20.28 31.10 20.41
C GLU A 182 20.79 30.29 21.61
N LEU A 183 22.11 30.07 21.62
CA LEU A 183 22.74 29.16 22.58
C LEU A 183 23.91 29.80 23.33
N SER A 184 24.20 29.22 24.50
CA SER A 184 25.39 29.54 25.28
C SER A 184 26.49 28.56 24.93
N LYS A 185 27.72 29.07 24.89
CA LYS A 185 28.85 28.22 24.57
C LYS A 185 28.98 27.07 25.56
N GLU A 186 28.88 27.36 26.88
CA GLU A 186 28.94 26.32 27.90
C GLU A 186 27.88 25.22 27.68
N GLN A 187 26.71 25.58 27.12
CA GLN A 187 25.65 24.61 26.88
C GLN A 187 25.94 23.77 25.64
N ILE A 188 26.40 24.43 24.57
CA ILE A 188 26.97 23.68 23.45
C ILE A 188 28.11 22.81 23.94
N ARG A 189 28.89 23.31 24.91
CA ARG A 189 29.94 22.50 25.52
C ARG A 189 29.36 21.21 26.09
N GLN A 190 28.18 21.28 26.69
CA GLN A 190 27.59 20.15 27.40
C GLN A 190 26.81 19.21 26.47
N LEU A 191 25.97 19.77 25.58
CA LEU A 191 25.10 18.93 24.76
C LEU A 191 25.85 18.11 23.72
N SER A 192 27.10 18.47 23.41
CA SER A 192 27.81 17.85 22.29
C SER A 192 28.43 16.50 22.67
N ARG A 193 28.69 16.29 23.95
CA ARG A 193 29.63 15.25 24.40
C ARG A 193 28.86 14.02 24.83
N ARG A 194 28.44 13.24 23.82
CA ARG A 194 27.87 11.91 23.96
C ARG A 194 27.39 11.45 22.57
N ALA A 195 27.47 12.38 21.61
CA ALA A 195 26.92 12.18 20.28
C ALA A 195 27.63 11.05 19.55
N LYS A 196 26.89 9.98 19.27
CA LYS A 196 27.39 8.88 18.44
C LYS A 196 27.47 9.35 17.00
N SER A 197 28.68 9.29 16.42
CA SER A 197 28.92 9.91 15.12
C SER A 197 28.85 8.84 14.01
N SER A 198 28.36 9.25 12.84
CA SER A 198 28.33 8.34 11.71
C SER A 198 29.73 7.92 11.33
N SER A 199 29.85 6.70 10.82
CA SER A 199 31.11 5.99 10.72
C SER A 199 31.25 5.42 9.31
N ARG A 200 32.11 4.40 9.15
CA ARG A 200 32.08 3.52 7.98
C ARG A 200 31.49 2.14 8.28
N LYS A 201 31.47 1.73 9.55
CA LYS A 201 30.73 0.56 10.00
C LYS A 201 29.23 0.81 10.06
N THR A 202 28.78 2.03 9.78
CA THR A 202 27.38 2.43 9.94
C THR A 202 26.60 2.39 8.64
N ILE A 203 27.28 2.21 7.51
CA ILE A 203 26.71 2.25 6.16
C ILE A 203 25.51 1.31 6.03
N SER A 204 25.36 0.40 7.00
CA SER A 204 24.32 -0.62 6.97
C SER A 204 23.71 -0.86 8.35
N SER A 205 23.65 0.18 9.18
CA SER A 205 23.11 0.09 10.53
C SER A 205 21.70 0.67 10.60
N GLU A 206 20.88 0.08 11.48
CA GLU A 206 19.47 0.40 11.63
C GLU A 206 19.19 1.62 12.50
N ASP A 207 20.17 2.09 13.26
CA ASP A 207 19.96 3.28 14.07
C ASP A 207 20.82 4.41 13.50
N GLU A 208 22.08 4.43 13.92
CA GLU A 208 23.00 5.52 13.64
C GLU A 208 23.01 5.93 12.17
N PRO A 209 23.34 7.19 11.88
CA PRO A 209 23.30 7.68 10.51
C PRO A 209 24.37 7.03 9.66
N PHE A 210 24.40 7.45 8.40
CA PHE A 210 25.21 6.82 7.39
C PHE A 210 25.49 7.85 6.32
N ASN A 211 26.71 7.87 5.83
CA ASN A 211 27.18 8.94 4.99
C ASN A 211 27.20 8.46 3.55
N LEU A 212 26.43 9.13 2.71
CA LEU A 212 26.44 8.87 1.28
C LEU A 212 27.86 8.80 0.73
N ARG A 213 28.63 9.87 0.92
CA ARG A 213 29.91 9.98 0.25
C ARG A 213 30.93 8.98 0.76
N SER A 214 30.65 8.27 1.86
CA SER A 214 31.68 7.52 2.56
C SER A 214 32.31 6.46 1.67
N ARG A 215 31.48 5.64 1.02
CA ARG A 215 31.96 4.62 0.10
C ARG A 215 32.33 5.22 -1.26
N ASN A 216 32.77 4.38 -2.15
CA ASN A 216 33.22 4.89 -3.44
C ASN A 216 32.04 5.28 -4.31
N PRO A 217 32.21 6.26 -5.19
CA PRO A 217 31.14 6.61 -6.11
C PRO A 217 30.73 5.42 -6.95
N ILE A 218 29.46 5.40 -7.35
CA ILE A 218 29.00 4.41 -8.31
C ILE A 218 29.60 4.67 -9.69
N TYR A 219 29.52 5.91 -10.16
CA TYR A 219 30.28 6.39 -11.31
C TYR A 219 31.24 7.50 -10.89
N SER A 220 32.24 7.76 -11.73
CA SER A 220 33.24 8.79 -11.44
C SER A 220 34.29 8.94 -12.53
N ASN A 221 34.30 10.06 -13.25
CA ASN A 221 35.44 10.40 -14.10
C ASN A 221 35.95 11.81 -13.74
N ASN A 222 36.64 12.43 -14.69
CA ASN A 222 37.20 13.77 -14.47
C ASN A 222 36.16 14.87 -14.64
N PHE A 223 34.90 14.53 -14.86
CA PHE A 223 33.85 15.52 -15.07
C PHE A 223 32.65 15.40 -14.11
N GLY A 224 32.64 14.41 -13.22
CA GLY A 224 31.53 14.28 -12.27
C GLY A 224 31.76 13.14 -11.31
N LYS A 225 30.95 13.13 -10.25
CA LYS A 225 30.89 11.98 -9.36
C LYS A 225 29.45 11.70 -8.96
N PHE A 226 29.06 10.42 -9.04
CA PHE A 226 27.71 9.96 -8.70
C PHE A 226 27.82 9.08 -7.45
N PHE A 227 27.36 9.58 -6.31
CA PHE A 227 27.35 8.78 -5.10
C PHE A 227 25.94 8.22 -4.87
N GLU A 228 25.84 6.93 -4.60
CA GLU A 228 24.53 6.34 -4.37
C GLU A 228 24.53 5.42 -3.17
N ILE A 229 23.33 5.21 -2.62
CA ILE A 229 23.13 4.26 -1.55
C ILE A 229 21.66 3.82 -1.57
N THR A 230 21.44 2.52 -1.47
CA THR A 230 20.21 1.88 -1.91
C THR A 230 19.60 1.04 -0.80
N PRO A 231 18.32 0.63 -0.97
CA PRO A 231 17.71 -0.26 0.03
C PRO A 231 18.42 -1.60 0.19
N GLU A 232 19.21 -2.02 -0.81
CA GLU A 232 20.01 -3.23 -0.68
C GLU A 232 21.16 -3.06 0.32
N LYS A 233 21.74 -1.87 0.42
CA LYS A 233 22.87 -1.71 1.34
C LYS A 233 22.46 -1.18 2.72
N ASN A 234 21.31 -0.53 2.87
CA ASN A 234 21.00 0.20 4.10
C ASN A 234 19.64 -0.22 4.66
N PRO A 235 19.60 -0.80 5.87
CA PRO A 235 18.30 -1.06 6.51
C PRO A 235 17.35 0.13 6.55
N GLN A 236 17.77 1.29 7.08
CA GLN A 236 16.86 2.41 7.24
C GLN A 236 16.22 2.82 5.91
N LEU A 237 16.92 2.61 4.79
CA LEU A 237 16.37 2.98 3.49
C LEU A 237 15.49 1.89 2.90
N ARG A 238 15.86 0.62 3.08
CA ARG A 238 14.99 -0.49 2.68
C ARG A 238 13.61 -0.37 3.31
N ASP A 239 13.55 0.15 4.53
CA ASP A 239 12.27 0.43 5.18
C ASP A 239 11.43 1.39 4.33
N LEU A 240 11.91 2.61 4.15
CA LEU A 240 11.21 3.59 3.32
C LEU A 240 11.14 3.19 1.84
N ASP A 241 11.93 2.22 1.41
CA ASP A 241 12.04 1.85 -0.01
C ASP A 241 12.40 3.09 -0.85
N ILE A 242 13.54 3.67 -0.50
CA ILE A 242 14.06 4.87 -1.13
C ILE A 242 15.55 4.68 -1.33
N PHE A 243 16.08 5.21 -2.42
CA PHE A 243 17.51 5.44 -2.52
C PHE A 243 17.82 6.94 -2.43
N LEU A 244 18.96 7.23 -1.82
CA LEU A 244 19.56 8.54 -1.72
C LEU A 244 20.76 8.59 -2.66
N SER A 245 20.93 9.68 -3.38
CA SER A 245 22.18 9.86 -4.13
C SER A 245 22.56 11.35 -4.17
N SER A 246 23.86 11.61 -3.97
CA SER A 246 24.46 12.93 -4.09
C SER A 246 25.42 12.93 -5.26
N VAL A 247 25.29 13.88 -6.19
CA VAL A 247 26.13 13.85 -7.39
C VAL A 247 26.64 15.25 -7.73
N ASP A 248 27.91 15.32 -8.14
CA ASP A 248 28.65 16.55 -8.42
C ASP A 248 28.98 16.63 -9.90
N ILE A 249 28.59 17.70 -10.57
CA ILE A 249 28.96 17.90 -11.96
C ILE A 249 29.82 19.15 -12.07
N ASN A 250 30.98 19.00 -12.72
CA ASN A 250 31.88 20.11 -12.98
C ASN A 250 31.27 21.07 -14.00
N GLU A 251 31.68 22.34 -13.93
CA GLU A 251 31.17 23.34 -14.86
C GLU A 251 31.51 22.94 -16.27
N GLY A 252 30.50 22.81 -17.12
CA GLY A 252 30.70 22.46 -18.51
C GLY A 252 30.41 21.01 -18.83
N ALA A 253 30.35 20.14 -17.82
CA ALA A 253 30.08 18.71 -18.00
C ALA A 253 28.59 18.43 -17.82
N LEU A 254 28.16 17.25 -18.29
CA LEU A 254 26.75 16.89 -18.20
C LEU A 254 26.59 15.40 -17.94
N LEU A 255 25.49 15.05 -17.29
CA LEU A 255 25.13 13.65 -17.08
C LEU A 255 24.46 13.11 -18.34
N LEU A 256 25.10 12.12 -18.98
CA LEU A 256 24.60 11.66 -20.27
C LEU A 256 23.15 11.17 -20.18
N PRO A 257 22.45 11.17 -21.32
CA PRO A 257 21.04 10.75 -21.34
C PRO A 257 20.82 9.36 -20.77
N HIS A 258 19.90 9.27 -19.83
CA HIS A 258 19.66 8.03 -19.12
C HIS A 258 18.26 8.10 -18.56
N PHE A 259 17.77 6.96 -18.08
CA PHE A 259 16.45 6.91 -17.46
C PHE A 259 16.50 5.92 -16.31
N ASN A 260 15.68 6.14 -15.30
CA ASN A 260 15.52 5.16 -14.23
C ASN A 260 14.37 4.21 -14.56
N SER A 261 14.54 2.96 -14.14
CA SER A 261 13.62 1.89 -14.55
C SER A 261 12.25 2.02 -13.87
N LYS A 262 12.20 2.04 -12.54
CA LYS A 262 10.93 2.22 -11.84
C LYS A 262 10.97 3.24 -10.71
N ALA A 263 12.07 3.98 -10.57
CA ALA A 263 12.29 4.90 -9.46
C ALA A 263 11.91 6.32 -9.86
N ILE A 264 11.04 6.95 -9.06
CA ILE A 264 10.69 8.35 -9.23
C ILE A 264 11.63 9.19 -8.39
N VAL A 265 12.42 10.03 -9.04
CA VAL A 265 13.56 10.71 -8.42
C VAL A 265 13.22 12.16 -8.17
N ILE A 266 13.23 12.57 -6.90
CA ILE A 266 13.13 13.96 -6.52
C ILE A 266 14.55 14.51 -6.43
N LEU A 267 14.96 15.33 -7.40
CA LEU A 267 16.27 15.95 -7.24
C LEU A 267 16.12 17.36 -6.69
N VAL A 268 16.98 17.70 -5.75
CA VAL A 268 17.05 19.04 -5.16
C VAL A 268 18.38 19.64 -5.54
N ILE A 269 18.34 20.76 -6.28
CA ILE A 269 19.61 21.41 -6.65
C ILE A 269 20.17 22.14 -5.43
N ASN A 270 21.31 21.71 -4.95
CA ASN A 270 21.84 22.24 -3.68
C ASN A 270 22.89 23.34 -3.86
N GLU A 271 23.79 23.22 -4.84
CA GLU A 271 24.78 24.22 -5.20
C GLU A 271 25.06 24.10 -6.70
N GLY A 272 25.24 25.23 -7.38
CA GLY A 272 25.52 25.23 -8.81
C GLY A 272 24.33 25.71 -9.63
N ASP A 273 24.37 25.38 -10.92
CA ASP A 273 23.34 25.81 -11.87
C ASP A 273 23.24 24.82 -13.03
N ALA A 274 22.03 24.36 -13.33
CA ALA A 274 21.89 23.41 -14.44
C ALA A 274 20.75 23.76 -15.38
N ASN A 275 20.81 23.11 -16.53
CA ASN A 275 19.68 23.00 -17.43
C ASN A 275 19.30 21.52 -17.50
N ILE A 276 18.07 21.21 -17.20
CA ILE A 276 17.64 19.83 -17.31
C ILE A 276 16.71 19.67 -18.51
N GLU A 277 16.74 18.48 -19.11
CA GLU A 277 15.81 18.16 -20.18
C GLU A 277 15.16 16.82 -19.88
N LEU A 278 13.84 16.84 -19.71
CA LEU A 278 13.01 15.65 -19.56
C LEU A 278 12.21 15.41 -20.83
N VAL A 279 12.04 14.15 -21.21
CA VAL A 279 11.23 13.83 -22.39
C VAL A 279 10.07 12.93 -21.99
N GLY A 280 8.92 13.18 -22.59
CA GLY A 280 7.74 12.32 -22.47
C GLY A 280 7.07 12.12 -23.81
N ILE A 281 5.80 11.73 -23.82
CA ILE A 281 5.15 11.49 -25.08
C ILE A 281 4.10 12.55 -25.45
N GLU A 296 4.42 10.55 -30.50
CA GLU A 296 5.03 11.89 -30.55
C GLU A 296 5.68 12.33 -29.22
N VAL A 297 6.99 12.61 -29.28
CA VAL A 297 7.78 12.89 -28.09
C VAL A 297 7.46 14.30 -27.59
N GLN A 298 7.82 14.60 -26.34
CA GLN A 298 7.62 15.93 -25.77
C GLN A 298 8.76 16.31 -24.85
N ARG A 299 9.48 17.38 -25.18
CA ARG A 299 10.61 17.87 -24.40
C ARG A 299 10.13 18.75 -23.24
N TYR A 300 10.61 18.44 -22.04
CA TYR A 300 10.30 19.20 -20.83
C TYR A 300 11.60 19.80 -20.31
N ARG A 301 12.02 20.94 -20.88
CA ARG A 301 13.29 21.56 -20.51
C ARG A 301 13.08 22.62 -19.42
N ALA A 302 14.03 22.70 -18.49
CA ALA A 302 13.97 23.73 -17.45
C ALA A 302 15.39 24.09 -17.01
N GLU A 303 15.54 25.30 -16.50
CA GLU A 303 16.84 25.90 -16.17
C GLU A 303 16.86 26.16 -14.67
N LEU A 304 17.81 25.51 -13.98
CA LEU A 304 17.70 25.25 -12.55
C LEU A 304 18.79 25.96 -11.77
N SER A 305 18.41 26.46 -10.60
CA SER A 305 19.31 27.17 -9.72
C SER A 305 19.03 26.74 -8.29
N GLU A 306 20.04 26.93 -7.44
CA GLU A 306 20.03 26.58 -6.02
C GLU A 306 18.63 26.57 -5.41
N ASP A 307 18.32 25.53 -4.66
CA ASP A 307 17.10 25.29 -3.89
C ASP A 307 15.95 24.87 -4.80
N ASP A 308 16.13 24.88 -6.11
CA ASP A 308 15.07 24.42 -7.00
C ASP A 308 14.91 22.91 -6.87
N VAL A 309 13.69 22.46 -7.16
CA VAL A 309 13.29 21.06 -7.09
C VAL A 309 12.76 20.64 -8.45
N PHE A 310 13.08 19.41 -8.83
CA PHE A 310 12.68 18.90 -10.13
C PHE A 310 12.46 17.39 -9.98
N VAL A 311 11.28 16.90 -10.38
CA VAL A 311 10.93 15.50 -10.21
C VAL A 311 11.06 14.78 -11.54
N ILE A 312 11.80 13.68 -11.55
CA ILE A 312 11.87 12.90 -12.77
C ILE A 312 11.05 11.64 -12.63
N PRO A 313 9.88 11.57 -13.27
CA PRO A 313 9.08 10.34 -13.24
C PRO A 313 9.88 9.12 -13.66
N ALA A 314 9.43 7.95 -13.20
CA ALA A 314 10.05 6.69 -13.57
C ALA A 314 10.00 6.45 -15.07
N ALA A 315 11.09 5.90 -15.63
CA ALA A 315 11.20 5.59 -17.05
C ALA A 315 11.06 6.84 -17.93
N TYR A 316 11.65 7.95 -17.50
CA TYR A 316 11.65 9.17 -18.28
C TYR A 316 13.12 9.52 -18.53
N PRO A 317 13.55 9.67 -19.78
CA PRO A 317 14.97 9.97 -20.04
C PRO A 317 15.29 11.45 -19.78
N PHE A 318 16.48 11.70 -19.23
CA PHE A 318 16.80 13.07 -18.87
C PHE A 318 18.29 13.31 -18.80
N VAL A 319 18.68 14.55 -19.08
CA VAL A 319 20.06 14.99 -19.10
C VAL A 319 20.19 16.20 -18.18
N VAL A 320 21.27 16.21 -17.39
CA VAL A 320 21.59 17.33 -16.50
C VAL A 320 22.82 18.03 -17.04
N ASN A 321 22.65 19.27 -17.49
CA ASN A 321 23.74 20.08 -18.03
C ASN A 321 24.14 21.11 -16.99
N ALA A 322 25.32 20.96 -16.42
CA ALA A 322 25.81 21.87 -15.38
C ALA A 322 26.43 23.10 -16.01
N THR A 323 25.72 24.24 -15.92
CA THR A 323 26.19 25.52 -16.42
C THR A 323 27.14 26.27 -15.46
N SER A 324 27.42 25.68 -14.30
CA SER A 324 28.38 26.14 -13.30
C SER A 324 28.45 25.07 -12.23
N ASN A 325 29.67 24.64 -11.88
CA ASN A 325 29.96 23.63 -10.87
C ASN A 325 28.77 23.28 -9.99
N LEU A 326 28.29 22.04 -10.05
CA LEU A 326 26.97 21.68 -9.55
C LEU A 326 27.05 20.52 -8.58
N ASN A 327 26.20 20.57 -7.55
CA ASN A 327 25.97 19.44 -6.64
C ASN A 327 24.48 19.37 -6.30
N PHE A 328 23.84 18.25 -6.61
CA PHE A 328 22.45 18.11 -6.23
C PHE A 328 22.24 16.81 -5.46
N LEU A 329 21.13 16.78 -4.77
CA LEU A 329 20.73 15.62 -3.99
C LEU A 329 19.49 15.01 -4.64
N ALA A 330 19.41 13.69 -4.71
CA ALA A 330 18.27 13.04 -5.34
C ALA A 330 17.67 12.02 -4.39
N PHE A 331 16.38 12.15 -4.11
CA PHE A 331 15.64 11.13 -3.39
C PHE A 331 15.02 10.20 -4.41
N GLY A 332 15.26 8.90 -4.27
CA GLY A 332 14.67 7.93 -5.18
C GLY A 332 13.48 7.16 -4.61
N ILE A 333 12.26 7.46 -5.06
CA ILE A 333 11.05 6.81 -4.54
C ILE A 333 10.77 5.54 -5.34
N ASN A 334 10.36 4.47 -4.67
CA ASN A 334 10.16 3.16 -5.30
C ASN A 334 11.51 2.62 -5.83
N ALA A 335 12.41 2.39 -4.89
CA ALA A 335 13.81 2.19 -5.19
C ALA A 335 14.20 0.74 -5.43
N GLU A 336 13.62 -0.18 -4.66
CA GLU A 336 13.98 -1.60 -4.66
C GLU A 336 14.24 -2.18 -6.04
N ASN A 337 15.51 -2.53 -6.32
CA ASN A 337 15.92 -3.21 -7.55
C ASN A 337 15.83 -2.30 -8.78
N ASN A 338 16.05 -1.00 -8.58
CA ASN A 338 16.01 -0.01 -9.66
C ASN A 338 17.24 -0.18 -10.54
N GLN A 339 17.12 0.22 -11.80
CA GLN A 339 18.26 0.16 -12.71
C GLN A 339 18.38 1.46 -13.49
N ARG A 340 19.61 1.96 -13.62
CA ARG A 340 19.91 3.15 -14.40
C ARG A 340 20.43 2.75 -15.77
N ASN A 341 19.71 3.15 -16.81
CA ASN A 341 20.06 2.76 -18.17
C ASN A 341 20.43 4.00 -18.95
N PHE A 342 21.70 4.11 -19.33
CA PHE A 342 22.19 5.25 -20.10
C PHE A 342 21.95 5.00 -21.58
N LEU A 343 21.67 6.05 -22.32
CA LEU A 343 21.48 5.98 -23.76
C LEU A 343 22.74 6.29 -24.56
N ALA A 344 23.84 6.72 -23.93
CA ALA A 344 25.05 7.07 -24.66
C ALA A 344 26.30 6.64 -23.89
N GLY A 345 27.41 6.62 -24.60
CA GLY A 345 28.67 6.40 -23.93
C GLY A 345 29.26 5.03 -24.14
N GLU A 346 29.82 4.47 -23.07
CA GLU A 346 30.36 3.12 -23.14
C GLU A 346 29.70 2.24 -22.10
N LYS A 347 29.90 2.49 -20.81
CA LYS A 347 29.48 1.55 -19.78
C LYS A 347 28.03 1.82 -19.38
N ASP A 348 27.19 0.76 -19.43
CA ASP A 348 25.77 0.77 -19.09
C ASP A 348 24.90 1.46 -20.14
N ASN A 349 25.38 1.51 -21.38
CA ASN A 349 24.57 1.92 -22.51
C ASN A 349 23.64 0.77 -22.92
N VAL A 350 22.32 1.02 -22.98
CA VAL A 350 21.42 -0.04 -23.41
C VAL A 350 21.13 0.01 -24.89
N VAL A 351 21.31 1.17 -25.53
CA VAL A 351 21.33 1.19 -26.99
C VAL A 351 22.38 0.21 -27.50
N ARG A 352 23.49 0.04 -26.79
CA ARG A 352 24.59 -0.79 -27.29
C ARG A 352 24.48 -2.25 -26.84
N GLN A 353 23.34 -2.68 -26.30
CA GLN A 353 23.13 -4.08 -25.94
C GLN A 353 22.14 -4.79 -26.84
N ILE A 354 21.23 -4.05 -27.46
CA ILE A 354 20.41 -4.53 -28.55
C ILE A 354 21.25 -5.29 -29.57
N GLU A 355 20.78 -6.48 -29.98
CA GLU A 355 21.38 -7.27 -31.06
C GLU A 355 21.59 -6.40 -32.31
N ARG A 356 22.63 -6.75 -33.08
CA ARG A 356 23.00 -5.92 -34.22
C ARG A 356 21.88 -5.83 -35.25
N GLN A 357 21.36 -6.99 -35.69
CA GLN A 357 20.25 -7.04 -36.65
C GLN A 357 19.05 -6.23 -36.20
N VAL A 358 18.94 -5.97 -34.89
CA VAL A 358 17.86 -5.11 -34.39
C VAL A 358 18.19 -3.62 -34.56
N GLN A 359 19.48 -3.27 -34.68
CA GLN A 359 19.87 -1.88 -34.92
C GLN A 359 19.68 -1.51 -36.40
N GLU A 360 19.90 -2.47 -37.31
CA GLU A 360 19.45 -2.31 -38.69
C GLU A 360 17.98 -1.89 -38.74
N LEU A 361 17.12 -2.66 -38.07
CA LEU A 361 15.68 -2.49 -38.23
C LEU A 361 15.14 -1.34 -37.38
N ALA A 362 15.81 -0.99 -36.29
CA ALA A 362 15.32 0.08 -35.43
C ALA A 362 15.52 1.47 -36.05
N PHE A 363 16.78 1.91 -36.21
CA PHE A 363 17.07 3.24 -36.73
C PHE A 363 17.38 3.20 -38.22
N PRO A 364 17.14 4.30 -38.95
CA PRO A 364 17.36 4.28 -40.41
C PRO A 364 18.82 4.32 -40.81
N GLY A 365 19.46 3.15 -40.87
CA GLY A 365 20.87 3.11 -41.19
C GLY A 365 21.40 1.73 -40.86
N SER A 366 22.63 1.49 -41.33
CA SER A 366 23.22 0.16 -41.26
C SER A 366 23.45 -0.30 -39.82
N ALA A 367 24.06 -1.48 -39.65
CA ALA A 367 24.50 -1.92 -38.33
C ALA A 367 26.00 -1.77 -38.15
N GLN A 368 26.72 -1.47 -39.23
CA GLN A 368 28.08 -0.96 -39.18
C GLN A 368 28.08 0.56 -39.12
N ASP A 369 27.04 1.19 -39.68
CA ASP A 369 26.85 2.63 -39.53
C ASP A 369 26.43 3.00 -38.10
N VAL A 370 25.59 2.16 -37.49
CA VAL A 370 25.16 2.37 -36.11
C VAL A 370 26.25 1.91 -35.13
N GLU A 371 26.93 0.81 -35.46
CA GLU A 371 28.11 0.41 -34.68
C GLU A 371 29.20 1.46 -34.74
N ARG A 372 29.29 2.20 -35.85
CA ARG A 372 30.26 3.28 -35.94
C ARG A 372 29.89 4.43 -35.00
N LEU A 373 28.60 4.82 -34.99
CA LEU A 373 28.21 6.02 -34.25
C LEU A 373 28.28 5.84 -32.74
N LEU A 374 27.79 4.69 -32.25
CA LEU A 374 27.74 4.49 -30.81
C LEU A 374 29.13 4.32 -30.19
N LYS A 375 30.13 3.97 -31.00
CA LYS A 375 31.49 3.77 -30.52
C LYS A 375 32.28 5.08 -30.48
N LYS A 376 31.72 6.16 -31.03
CA LYS A 376 32.42 7.44 -31.06
C LYS A 376 32.77 7.91 -29.66
N GLN A 377 31.76 7.98 -28.78
CA GLN A 377 31.94 8.53 -27.44
C GLN A 377 32.68 7.52 -26.56
N ARG A 378 33.99 7.73 -26.40
CA ARG A 378 34.86 6.84 -25.65
C ARG A 378 34.76 7.01 -24.14
N GLU A 379 33.87 7.88 -23.63
CA GLU A 379 33.75 8.04 -22.19
C GLU A 379 32.40 7.52 -21.73
N SER A 380 32.14 7.67 -20.44
CA SER A 380 30.93 7.11 -19.87
C SER A 380 30.50 7.88 -18.60
N TYR A 381 29.17 8.03 -18.47
CA TYR A 381 28.45 8.59 -17.32
C TYR A 381 28.36 10.12 -17.39
N PHE A 382 29.50 10.80 -17.17
CA PHE A 382 29.65 12.23 -17.37
C PHE A 382 30.62 12.49 -18.51
N VAL A 383 30.32 13.46 -19.38
CA VAL A 383 31.23 13.88 -20.43
C VAL A 383 31.29 15.41 -20.47
N ASP A 384 32.09 15.94 -21.38
CA ASP A 384 32.35 17.37 -21.49
C ASP A 384 31.51 18.00 -22.60
N ALA A 385 30.95 19.16 -22.30
CA ALA A 385 30.40 20.06 -23.33
C ALA A 385 31.34 21.25 -23.55
N ASN B 1 -18.36 21.22 17.45
CA ASN B 1 -18.43 20.07 16.57
C ASN B 1 -17.03 19.47 16.29
N ASN B 2 -16.76 18.36 16.97
CA ASN B 2 -15.45 17.71 16.97
C ASN B 2 -15.44 16.65 15.86
N PRO B 3 -14.61 16.79 14.82
CA PRO B 3 -14.62 15.78 13.74
C PRO B 3 -14.10 14.42 14.12
N PHE B 4 -13.58 14.24 15.34
CA PHE B 4 -13.05 12.96 15.80
C PHE B 4 -13.98 12.30 16.81
N TYR B 5 -15.25 12.69 16.82
CA TYR B 5 -16.20 12.17 17.79
C TYR B 5 -17.43 11.68 17.04
N LEU B 6 -17.70 10.39 17.20
CA LEU B 6 -18.78 9.69 16.52
C LEU B 6 -19.75 9.30 17.63
N ARG B 7 -20.75 10.15 17.84
CA ARG B 7 -21.78 9.90 18.84
C ARG B 7 -22.60 8.68 18.43
N SER B 8 -22.91 7.82 19.41
CA SER B 8 -23.60 6.59 19.07
C SER B 8 -25.03 6.83 18.62
N SER B 9 -25.65 7.94 19.03
CA SER B 9 -27.05 8.16 18.71
C SER B 9 -27.27 8.85 17.36
N ASN B 10 -26.24 9.11 16.57
CA ASN B 10 -26.46 9.63 15.22
C ASN B 10 -25.31 9.38 14.28
N SER B 11 -24.35 8.53 14.64
CA SER B 11 -23.29 8.11 13.74
C SER B 11 -23.40 6.65 13.33
N PHE B 12 -24.40 5.93 13.82
CA PHE B 12 -24.63 4.52 13.50
C PHE B 12 -25.78 4.34 12.52
N GLN B 13 -25.78 3.17 11.88
CA GLN B 13 -26.82 2.82 10.91
C GLN B 13 -27.16 1.34 11.01
N THR B 14 -28.40 1.03 11.37
CA THR B 14 -28.79 -0.35 11.52
C THR B 14 -28.73 -1.04 10.16
N LEU B 15 -28.06 -2.18 10.11
CA LEU B 15 -28.12 -3.03 8.92
C LEU B 15 -29.35 -3.92 8.98
N PHE B 16 -29.55 -4.56 10.12
CA PHE B 16 -30.66 -5.45 10.38
C PHE B 16 -31.05 -5.32 11.83
N GLU B 17 -32.31 -5.58 12.13
CA GLU B 17 -32.77 -5.54 13.51
C GLU B 17 -34.06 -6.34 13.63
N ASN B 18 -34.22 -7.00 14.79
CA ASN B 18 -35.48 -7.70 15.06
C ASN B 18 -35.62 -7.86 16.58
N GLN B 19 -36.29 -8.92 17.00
CA GLN B 19 -36.47 -9.22 18.41
C GLN B 19 -35.25 -9.89 19.03
N ASN B 20 -34.37 -10.48 18.23
CA ASN B 20 -33.32 -11.35 18.74
C ASN B 20 -31.94 -10.68 18.77
N GLY B 21 -31.87 -9.38 18.49
CA GLY B 21 -30.62 -8.64 18.37
C GLY B 21 -30.64 -7.72 17.17
N ARG B 22 -29.54 -6.97 17.02
CA ARG B 22 -29.39 -6.11 15.85
C ARG B 22 -27.92 -5.93 15.48
N ILE B 23 -27.71 -5.32 14.31
CA ILE B 23 -26.38 -5.17 13.70
C ILE B 23 -26.30 -3.78 13.09
N ARG B 24 -25.56 -2.89 13.73
CA ARG B 24 -25.33 -1.55 13.20
C ARG B 24 -23.96 -1.45 12.54
N LEU B 25 -23.83 -0.45 11.66
CA LEU B 25 -22.57 -0.12 10.98
C LEU B 25 -22.26 1.34 11.24
N LEU B 26 -21.06 1.59 11.79
CA LEU B 26 -20.57 2.94 12.06
C LEU B 26 -20.27 3.67 10.76
N GLN B 27 -20.67 4.94 10.68
CA GLN B 27 -20.56 5.65 9.41
C GLN B 27 -19.10 5.74 8.98
N ARG B 28 -18.91 6.12 7.72
CA ARG B 28 -17.58 6.15 7.13
C ARG B 28 -16.72 7.21 7.81
N PHE B 29 -15.50 6.82 8.19
CA PHE B 29 -14.62 7.72 8.95
C PHE B 29 -14.32 8.99 8.16
N ASN B 30 -14.12 8.87 6.86
CA ASN B 30 -13.74 10.02 6.05
C ASN B 30 -14.94 10.85 5.63
N LYS B 31 -16.10 10.23 5.45
CA LYS B 31 -17.29 10.99 5.11
C LYS B 31 -17.51 12.12 6.10
N ARG B 32 -17.33 11.84 7.38
CA ARG B 32 -17.45 12.81 8.47
C ARG B 32 -16.51 13.99 8.21
N SER B 33 -15.18 13.80 8.33
CA SER B 33 -14.19 14.81 8.00
C SER B 33 -13.14 14.26 7.04
N PRO B 34 -12.71 15.07 6.05
CA PRO B 34 -11.56 14.67 5.23
C PRO B 34 -10.27 14.59 6.04
N GLN B 35 -10.28 15.01 7.30
CA GLN B 35 -9.12 14.82 8.16
C GLN B 35 -8.82 13.35 8.37
N LEU B 36 -9.87 12.54 8.52
CA LEU B 36 -9.77 11.10 8.70
C LEU B 36 -9.65 10.36 7.37
N GLU B 37 -8.89 10.88 6.42
CA GLU B 37 -8.81 10.23 5.12
C GLU B 37 -7.94 8.99 5.16
N ASN B 38 -7.05 8.86 6.12
CA ASN B 38 -6.26 7.64 6.16
C ASN B 38 -7.00 6.50 6.82
N LEU B 39 -8.20 6.73 7.32
CA LEU B 39 -9.05 5.67 7.82
C LEU B 39 -10.08 5.25 6.78
N ARG B 40 -9.89 5.68 5.53
CA ARG B 40 -10.84 5.45 4.46
C ARG B 40 -11.15 3.96 4.27
N ASP B 41 -10.25 3.08 4.71
CA ASP B 41 -10.32 1.64 4.46
C ASP B 41 -10.97 0.86 5.59
N TYR B 42 -11.36 1.52 6.68
CA TYR B 42 -11.77 0.83 7.89
C TYR B 42 -13.19 1.23 8.26
N ARG B 43 -13.91 0.28 8.84
CA ARG B 43 -15.30 0.44 9.28
C ARG B 43 -15.45 -0.27 10.60
N ILE B 44 -16.38 0.20 11.42
CA ILE B 44 -16.69 -0.45 12.69
C ILE B 44 -18.12 -1.00 12.63
N VAL B 45 -18.28 -2.25 13.02
CA VAL B 45 -19.59 -2.87 13.12
C VAL B 45 -19.87 -3.24 14.57
N GLN B 46 -21.12 -3.07 14.99
CA GLN B 46 -21.60 -3.49 16.31
C GLN B 46 -22.60 -4.63 16.17
N PHE B 47 -22.41 -5.70 16.96
CA PHE B 47 -23.28 -6.89 16.99
C PHE B 47 -23.79 -7.13 18.40
N GLN B 48 -25.10 -7.09 18.59
CA GLN B 48 -25.73 -7.48 19.85
C GLN B 48 -26.84 -8.48 19.57
N SER B 49 -26.85 -9.59 20.30
CA SER B 49 -27.87 -10.62 20.16
C SER B 49 -28.32 -11.13 21.51
N LYS B 50 -29.52 -11.71 21.51
CA LYS B 50 -30.13 -12.23 22.72
C LYS B 50 -29.54 -13.59 23.07
N PRO B 51 -29.83 -14.11 24.26
CA PRO B 51 -29.38 -15.47 24.61
C PRO B 51 -30.07 -16.54 23.78
N ASN B 52 -29.30 -17.59 23.46
CA ASN B 52 -29.78 -18.73 22.69
C ASN B 52 -30.28 -18.30 21.31
N THR B 53 -29.47 -17.50 20.64
CA THR B 53 -29.76 -17.09 19.28
C THR B 53 -28.63 -17.56 18.36
N ILE B 54 -28.81 -17.31 17.07
CA ILE B 54 -27.82 -17.65 16.05
C ILE B 54 -27.86 -16.56 15.00
N LEU B 55 -26.74 -16.41 14.29
CA LEU B 55 -26.62 -15.53 13.14
C LEU B 55 -26.44 -16.41 11.91
N LEU B 56 -27.45 -16.48 11.03
CA LEU B 56 -27.43 -17.47 9.97
C LEU B 56 -26.19 -17.32 9.09
N PRO B 57 -25.77 -18.41 8.43
CA PRO B 57 -24.49 -18.41 7.70
C PRO B 57 -24.43 -17.35 6.61
N HIS B 58 -23.23 -16.79 6.42
CA HIS B 58 -23.00 -15.67 5.51
C HIS B 58 -21.52 -15.37 5.47
N HIS B 59 -21.17 -14.44 4.59
CA HIS B 59 -19.79 -13.99 4.40
C HIS B 59 -19.84 -12.52 3.98
N ALA B 60 -18.66 -11.90 3.86
CA ALA B 60 -18.60 -10.52 3.40
C ALA B 60 -17.34 -10.29 2.58
N ASP B 61 -17.40 -9.29 1.71
CA ASP B 61 -16.20 -8.83 1.01
C ASP B 61 -15.41 -7.85 1.89
N ALA B 62 -14.87 -8.41 2.98
CA ALA B 62 -14.17 -7.68 4.02
C ALA B 62 -13.40 -8.67 4.89
N ASP B 63 -12.18 -8.30 5.29
CA ASP B 63 -11.55 -8.91 6.46
C ASP B 63 -12.32 -8.48 7.69
N PHE B 64 -12.23 -9.26 8.75
CA PHE B 64 -12.88 -8.89 10.00
C PHE B 64 -11.91 -9.18 11.14
N LEU B 65 -11.84 -8.25 12.08
CA LEU B 65 -11.21 -8.47 13.36
C LEU B 65 -12.34 -8.23 14.35
N LEU B 66 -12.88 -9.30 14.94
CA LEU B 66 -14.02 -9.15 15.84
C LEU B 66 -13.56 -9.38 17.27
N PHE B 67 -14.01 -8.50 18.15
CA PHE B 67 -13.67 -8.50 19.56
C PHE B 67 -14.92 -8.81 20.37
N VAL B 68 -14.77 -9.60 21.43
CA VAL B 68 -15.89 -9.96 22.28
C VAL B 68 -15.89 -9.03 23.47
N LEU B 69 -16.86 -8.11 23.49
CA LEU B 69 -17.02 -7.22 24.62
C LEU B 69 -17.57 -7.99 25.83
N SER B 70 -18.80 -8.48 25.75
CA SER B 70 -19.36 -9.27 26.83
C SER B 70 -20.11 -10.48 26.26
N GLY B 71 -20.59 -11.33 27.16
CA GLY B 71 -21.23 -12.57 26.78
C GLY B 71 -20.23 -13.64 26.38
N ARG B 72 -20.74 -14.85 26.18
CA ARG B 72 -19.95 -15.92 25.60
C ARG B 72 -20.46 -16.16 24.19
N ALA B 73 -19.72 -16.96 23.42
CA ALA B 73 -20.08 -17.12 22.00
C ALA B 73 -19.39 -18.34 21.40
N ILE B 74 -20.02 -18.89 20.37
CA ILE B 74 -19.45 -19.92 19.50
C ILE B 74 -19.38 -19.33 18.10
N LEU B 75 -18.17 -19.20 17.57
CA LEU B 75 -17.95 -18.72 16.22
C LEU B 75 -17.55 -19.91 15.37
N THR B 76 -18.25 -20.14 14.26
CA THR B 76 -17.96 -21.25 13.36
C THR B 76 -17.60 -20.71 11.99
N LEU B 77 -16.38 -21.02 11.53
CA LEU B 77 -15.92 -20.67 10.18
C LEU B 77 -15.89 -21.94 9.33
N VAL B 78 -16.59 -21.92 8.20
CA VAL B 78 -16.71 -23.07 7.31
C VAL B 78 -15.89 -22.78 6.06
N ASN B 79 -15.06 -23.74 5.68
CA ASN B 79 -14.25 -23.65 4.47
C ASN B 79 -14.87 -24.55 3.41
N ASN B 80 -14.20 -24.64 2.27
CA ASN B 80 -14.71 -25.53 1.23
C ASN B 80 -14.58 -27.00 1.64
N ASP B 81 -13.55 -27.35 2.42
CA ASP B 81 -13.41 -28.73 2.89
C ASP B 81 -13.32 -28.89 4.41
N ASP B 82 -13.30 -27.79 5.18
CA ASP B 82 -13.10 -27.87 6.61
C ASP B 82 -14.19 -27.07 7.32
N ARG B 83 -14.29 -27.29 8.63
CA ARG B 83 -15.13 -26.52 9.52
C ARG B 83 -14.39 -26.38 10.84
N ASP B 84 -14.49 -25.20 11.44
CA ASP B 84 -13.75 -24.88 12.66
C ASP B 84 -14.68 -24.06 13.54
N SER B 85 -14.78 -24.45 14.80
CA SER B 85 -15.64 -23.75 15.74
C SER B 85 -14.80 -23.27 16.91
N TYR B 86 -15.06 -22.04 17.34
CA TYR B 86 -14.30 -21.43 18.40
C TYR B 86 -15.24 -20.95 19.50
N ASN B 87 -14.84 -21.17 20.75
CA ASN B 87 -15.57 -20.70 21.91
C ASN B 87 -14.96 -19.35 22.32
N LEU B 88 -15.74 -18.28 22.20
CA LEU B 88 -15.27 -16.93 22.48
C LEU B 88 -15.84 -16.44 23.80
N HIS B 89 -14.94 -16.01 24.69
CA HIS B 89 -15.23 -15.46 26.00
C HIS B 89 -14.94 -13.97 25.99
N PRO B 90 -15.38 -13.24 27.02
CA PRO B 90 -15.14 -11.80 27.03
C PRO B 90 -13.64 -11.48 26.96
N GLY B 91 -13.28 -10.56 26.07
CA GLY B 91 -11.89 -10.28 25.83
C GLY B 91 -11.22 -11.18 24.83
N ASP B 92 -11.94 -12.09 24.21
CA ASP B 92 -11.38 -12.87 23.13
C ASP B 92 -11.41 -12.04 21.85
N ALA B 93 -10.50 -12.35 20.92
CA ALA B 93 -10.52 -11.67 19.64
C ALA B 93 -10.02 -12.61 18.55
N GLN B 94 -10.65 -12.53 17.38
CA GLN B 94 -10.34 -13.42 16.27
C GLN B 94 -10.45 -12.63 14.97
N ARG B 95 -9.61 -13.00 14.00
CA ARG B 95 -9.74 -12.52 12.64
C ARG B 95 -10.59 -13.49 11.82
N ILE B 96 -11.54 -12.96 11.06
CA ILE B 96 -12.28 -13.75 10.08
C ILE B 96 -11.80 -13.33 8.68
N PRO B 97 -10.94 -14.10 8.02
CA PRO B 97 -10.45 -13.69 6.71
C PRO B 97 -11.59 -13.36 5.77
N ALA B 98 -11.32 -12.50 4.79
CA ALA B 98 -12.34 -12.07 3.85
C ALA B 98 -13.01 -13.28 3.18
N GLY B 99 -14.32 -13.16 2.93
CA GLY B 99 -15.06 -14.19 2.21
C GLY B 99 -15.01 -15.57 2.84
N THR B 100 -15.01 -15.63 4.16
CA THR B 100 -15.06 -16.89 4.90
C THR B 100 -16.47 -16.97 5.46
N THR B 101 -17.23 -17.95 4.99
CA THR B 101 -18.58 -18.11 5.51
C THR B 101 -18.52 -18.44 7.00
N TYR B 102 -19.49 -17.94 7.76
CA TYR B 102 -19.46 -18.17 9.20
C TYR B 102 -20.84 -17.91 9.79
N TYR B 103 -21.10 -18.56 10.93
CA TYR B 103 -22.25 -18.24 11.77
C TYR B 103 -21.80 -18.13 13.22
N LEU B 104 -22.64 -17.46 14.02
CA LEU B 104 -22.29 -17.02 15.37
C LEU B 104 -23.45 -17.32 16.30
N VAL B 105 -23.20 -18.14 17.34
CA VAL B 105 -24.23 -18.58 18.26
C VAL B 105 -23.93 -18.04 19.65
N ASN B 106 -25.00 -17.63 20.36
CA ASN B 106 -24.93 -17.14 21.73
C ASN B 106 -25.43 -18.23 22.67
N PRO B 107 -24.54 -19.11 23.17
CA PRO B 107 -25.01 -20.28 23.93
C PRO B 107 -25.56 -19.96 25.31
N HIS B 108 -25.33 -18.76 25.83
CA HIS B 108 -25.72 -18.45 27.20
C HIS B 108 -27.24 -18.35 27.31
N ASP B 109 -27.73 -18.61 28.54
CA ASP B 109 -29.16 -18.74 28.84
C ASP B 109 -29.80 -17.45 29.36
N HIS B 110 -28.99 -16.45 29.69
CA HIS B 110 -29.49 -15.16 30.11
C HIS B 110 -28.61 -14.00 29.62
N GLN B 111 -27.31 -14.22 29.45
CA GLN B 111 -26.38 -13.14 29.07
C GLN B 111 -26.52 -12.79 27.60
N ASN B 112 -26.45 -11.49 27.30
CA ASN B 112 -26.40 -11.05 25.92
C ASN B 112 -25.03 -11.39 25.32
N LEU B 113 -24.86 -11.02 24.05
CA LEU B 113 -23.57 -11.17 23.37
C LEU B 113 -23.34 -9.88 22.60
N LYS B 114 -22.51 -9.00 23.18
CA LYS B 114 -22.06 -7.77 22.54
C LYS B 114 -20.71 -8.04 21.91
N ILE B 115 -20.62 -7.87 20.59
CA ILE B 115 -19.38 -8.03 19.86
C ILE B 115 -19.22 -6.81 18.99
N ILE B 116 -17.98 -6.38 18.80
CA ILE B 116 -17.67 -5.26 17.94
C ILE B 116 -16.53 -5.66 17.03
N LYS B 117 -16.56 -5.19 15.80
CA LYS B 117 -15.60 -5.68 14.83
C LYS B 117 -15.18 -4.58 13.88
N LEU B 118 -13.89 -4.57 13.60
CA LEU B 118 -13.26 -3.63 12.71
C LEU B 118 -13.18 -4.33 11.36
N ALA B 119 -13.59 -3.63 10.30
CA ALA B 119 -13.77 -4.23 8.98
C ALA B 119 -12.85 -3.60 7.94
N ILE B 120 -12.20 -4.45 7.15
CA ILE B 120 -11.42 -3.94 6.02
C ILE B 120 -11.97 -4.48 4.69
N PRO B 121 -12.93 -3.76 4.07
CA PRO B 121 -13.38 -4.04 2.71
C PRO B 121 -12.29 -4.39 1.69
N VAL B 122 -12.61 -5.26 0.73
CA VAL B 122 -11.64 -5.73 -0.24
C VAL B 122 -11.91 -5.18 -1.64
N ASN B 123 -13.12 -4.68 -1.91
CA ASN B 123 -13.52 -4.28 -3.26
C ASN B 123 -13.69 -2.77 -3.39
N LYS B 124 -14.47 -2.19 -2.49
CA LYS B 124 -14.71 -0.75 -2.41
C LYS B 124 -14.08 -0.25 -1.13
N PRO B 125 -13.12 0.70 -1.17
CA PRO B 125 -12.54 1.24 0.07
C PRO B 125 -13.58 1.66 1.08
N GLY B 126 -13.60 0.98 2.22
CA GLY B 126 -14.57 1.28 3.26
C GLY B 126 -16.00 0.83 3.01
N ARG B 127 -16.27 0.02 1.97
CA ARG B 127 -17.63 -0.41 1.63
C ARG B 127 -17.68 -1.89 1.27
N TYR B 128 -18.53 -2.63 1.97
CA TYR B 128 -18.63 -4.06 1.76
C TYR B 128 -20.07 -4.50 1.89
N ASP B 129 -20.40 -5.59 1.24
CA ASP B 129 -21.74 -6.17 1.36
C ASP B 129 -21.68 -7.43 2.22
N ASP B 130 -22.80 -7.74 2.85
CA ASP B 130 -23.00 -9.07 3.42
C ASP B 130 -23.66 -9.95 2.37
N PHE B 131 -23.21 -11.21 2.28
CA PHE B 131 -23.83 -12.21 1.40
C PHE B 131 -24.42 -13.33 2.26
N PHE B 132 -25.74 -13.33 2.44
CA PHE B 132 -26.36 -14.34 3.30
C PHE B 132 -26.71 -15.59 2.50
N LEU B 133 -26.18 -16.74 2.94
CA LEU B 133 -26.51 -18.04 2.35
C LEU B 133 -27.96 -18.42 2.60
N SER B 134 -28.50 -18.01 3.73
CA SER B 134 -29.80 -18.44 4.21
C SER B 134 -30.93 -17.85 3.35
N SER B 135 -32.11 -18.44 3.50
CA SER B 135 -33.34 -17.90 2.93
C SER B 135 -34.24 -17.50 4.10
N THR B 136 -34.73 -16.27 4.07
CA THR B 136 -35.34 -15.63 5.22
C THR B 136 -36.32 -14.59 4.70
N GLN B 137 -37.29 -14.23 5.55
CA GLN B 137 -38.26 -13.22 5.14
C GLN B 137 -37.62 -11.87 4.94
N ALA B 138 -36.50 -11.61 5.62
CA ALA B 138 -35.77 -10.35 5.54
C ALA B 138 -34.78 -10.25 4.38
N GLN B 139 -34.31 -11.38 3.83
CA GLN B 139 -33.23 -11.40 2.85
C GLN B 139 -33.39 -12.52 1.85
N GLN B 140 -32.91 -12.33 0.62
CA GLN B 140 -32.87 -13.43 -0.33
C GLN B 140 -31.50 -14.09 -0.28
N SER B 141 -31.48 -15.42 -0.35
CA SER B 141 -30.19 -16.07 -0.46
C SER B 141 -29.58 -15.70 -1.80
N TYR B 142 -28.27 -15.56 -1.81
CA TYR B 142 -27.54 -15.21 -3.02
C TYR B 142 -27.49 -16.33 -4.01
N LEU B 143 -28.28 -17.39 -3.76
CA LEU B 143 -28.57 -18.41 -4.76
C LEU B 143 -29.75 -18.01 -5.64
N GLN B 144 -30.63 -17.13 -5.16
CA GLN B 144 -31.72 -16.63 -5.99
C GLN B 144 -31.23 -15.79 -7.15
N GLY B 145 -30.00 -15.31 -7.08
CA GLY B 145 -29.51 -14.48 -8.16
C GLY B 145 -29.09 -15.25 -9.39
N PHE B 146 -29.11 -16.58 -9.33
CA PHE B 146 -28.91 -17.39 -10.52
C PHE B 146 -30.25 -17.75 -11.16
N SER B 147 -30.22 -17.94 -12.48
CA SER B 147 -31.41 -18.33 -13.19
C SER B 147 -31.84 -19.72 -12.74
N HIS B 148 -33.10 -20.06 -13.06
CA HIS B 148 -33.62 -21.40 -12.81
C HIS B 148 -32.82 -22.45 -13.57
N ASN B 149 -32.66 -22.24 -14.90
CA ASN B 149 -31.85 -23.12 -15.73
C ASN B 149 -30.52 -23.44 -15.07
N ILE B 150 -29.77 -22.39 -14.74
CA ILE B 150 -28.43 -22.54 -14.15
C ILE B 150 -28.51 -23.23 -12.79
N LEU B 151 -29.51 -22.87 -11.98
CA LEU B 151 -29.68 -23.52 -10.69
C LEU B 151 -29.98 -25.01 -10.84
N GLU B 152 -30.87 -25.36 -11.76
CA GLU B 152 -31.25 -26.75 -11.98
C GLU B 152 -30.03 -27.59 -12.38
N THR B 153 -29.33 -27.16 -13.44
CA THR B 153 -28.13 -27.84 -13.90
C THR B 153 -27.15 -28.10 -12.76
N SER B 154 -26.83 -27.06 -11.99
CA SER B 154 -25.75 -27.16 -11.01
C SER B 154 -26.08 -28.20 -9.94
N PHE B 155 -27.26 -28.10 -9.34
CA PHE B 155 -27.61 -29.01 -8.25
C PHE B 155 -27.97 -30.43 -8.72
N HIS B 156 -28.39 -30.61 -10.00
CA HIS B 156 -28.95 -31.86 -10.53
C HIS B 156 -30.33 -32.13 -9.95
N SER B 157 -31.33 -31.36 -10.41
CA SER B 157 -32.64 -31.32 -9.79
C SER B 157 -33.57 -30.38 -10.52
N GLU B 158 -34.86 -30.67 -10.47
CA GLU B 158 -35.88 -29.76 -10.95
C GLU B 158 -35.85 -28.51 -10.10
N PHE B 159 -36.30 -27.39 -10.67
CA PHE B 159 -36.40 -26.17 -9.86
C PHE B 159 -37.47 -26.28 -8.78
N GLU B 160 -38.59 -26.94 -9.08
CA GLU B 160 -39.64 -27.11 -8.08
C GLU B 160 -39.13 -27.76 -6.81
N GLU B 161 -37.95 -28.41 -6.86
CA GLU B 161 -37.36 -29.06 -5.70
C GLU B 161 -36.35 -28.15 -4.96
N ILE B 162 -35.42 -27.53 -5.69
CA ILE B 162 -34.49 -26.61 -5.03
C ILE B 162 -35.18 -25.36 -4.50
N ASN B 163 -36.40 -25.06 -4.96
CA ASN B 163 -37.16 -23.96 -4.37
C ASN B 163 -37.89 -24.42 -3.12
N ARG B 164 -38.46 -25.63 -3.14
CA ARG B 164 -39.19 -26.11 -1.98
C ARG B 164 -38.28 -26.27 -0.77
N VAL B 165 -36.99 -26.55 -0.98
CA VAL B 165 -36.06 -26.85 0.12
C VAL B 165 -35.18 -25.66 0.48
N LEU B 166 -34.48 -25.08 -0.50
CA LEU B 166 -33.46 -24.09 -0.20
C LEU B 166 -34.05 -22.69 -0.08
N LEU B 167 -34.89 -22.29 -1.02
CA LEU B 167 -35.36 -20.90 -1.12
C LEU B 167 -36.70 -20.78 -0.38
N GLY B 168 -37.81 -21.11 -1.04
CA GLY B 168 -39.13 -21.03 -0.44
C GLY B 168 -39.97 -19.85 -0.91
N GLU B 169 -40.54 -19.94 -2.11
CA GLU B 169 -41.22 -18.79 -2.73
C GLU B 169 -42.75 -18.92 -2.62
N GLN B 173 -43.37 -17.54 4.91
CA GLN B 173 -44.17 -18.45 5.72
C GLN B 173 -43.28 -19.57 6.24
N ARG B 174 -42.88 -20.50 5.37
CA ARG B 174 -41.97 -21.58 5.77
C ARG B 174 -40.58 -21.05 6.13
N GLN B 175 -40.24 -19.85 5.71
CA GLN B 175 -38.92 -19.26 5.93
C GLN B 175 -38.92 -18.44 7.21
N GLN B 176 -37.73 -18.28 7.80
CA GLN B 176 -37.60 -17.56 9.05
C GLN B 176 -37.70 -16.05 8.81
N GLU B 177 -37.83 -15.30 9.91
CA GLU B 177 -38.18 -13.89 9.82
C GLU B 177 -36.96 -12.97 9.67
N GLY B 178 -35.89 -13.21 10.43
CA GLY B 178 -34.71 -12.40 10.36
C GLY B 178 -33.45 -13.25 10.25
N VAL B 179 -32.31 -12.56 10.21
CA VAL B 179 -31.01 -13.25 10.15
C VAL B 179 -30.52 -13.68 11.52
N ILE B 180 -31.16 -13.20 12.59
CA ILE B 180 -30.93 -13.67 13.96
C ILE B 180 -32.20 -14.36 14.44
N VAL B 181 -32.09 -15.67 14.74
CA VAL B 181 -33.21 -16.50 15.17
C VAL B 181 -32.90 -17.11 16.53
N GLU B 182 -33.95 -17.47 17.27
CA GLU B 182 -33.86 -18.17 18.54
C GLU B 182 -33.63 -19.66 18.33
N LEU B 183 -33.22 -20.34 19.40
CA LEU B 183 -32.73 -21.69 19.27
C LEU B 183 -33.27 -22.59 20.36
N SER B 184 -33.45 -23.85 19.97
CA SER B 184 -33.76 -24.93 20.90
C SER B 184 -32.53 -25.28 21.73
N LYS B 185 -32.76 -25.61 23.00
CA LYS B 185 -31.62 -25.81 23.89
C LYS B 185 -30.84 -27.07 23.53
N GLU B 186 -31.49 -28.10 22.98
CA GLU B 186 -30.75 -29.23 22.42
C GLU B 186 -29.95 -28.83 21.20
N GLN B 187 -30.42 -27.85 20.44
CA GLN B 187 -29.66 -27.42 19.28
C GLN B 187 -28.38 -26.70 19.70
N ILE B 188 -28.49 -25.71 20.59
CA ILE B 188 -27.29 -25.03 21.09
C ILE B 188 -26.41 -26.00 21.86
N ARG B 189 -26.99 -27.11 22.32
CA ARG B 189 -26.23 -28.19 22.92
C ARG B 189 -25.30 -28.84 21.91
N GLN B 190 -25.86 -29.23 20.76
CA GLN B 190 -25.10 -29.94 19.73
C GLN B 190 -24.09 -29.03 19.02
N LEU B 191 -24.36 -27.72 18.98
CA LEU B 191 -23.41 -26.79 18.40
C LEU B 191 -22.26 -26.47 19.35
N SER B 192 -22.39 -26.85 20.62
CA SER B 192 -21.45 -26.46 21.66
C SER B 192 -20.29 -27.43 21.84
N ARG B 193 -20.30 -28.59 21.16
CA ARG B 193 -19.42 -29.68 21.55
C ARG B 193 -18.39 -30.07 20.51
N ARG B 194 -17.71 -29.08 19.94
CA ARG B 194 -16.51 -29.37 19.17
C ARG B 194 -15.66 -28.11 19.21
N ALA B 195 -16.28 -27.01 19.65
CA ALA B 195 -15.63 -25.72 19.72
C ALA B 195 -14.35 -25.82 20.54
N LYS B 196 -13.21 -25.55 19.88
CA LYS B 196 -11.92 -25.41 20.56
C LYS B 196 -11.76 -23.97 21.05
N SER B 197 -11.47 -23.82 22.34
CA SER B 197 -11.53 -22.52 22.98
C SER B 197 -10.16 -21.85 22.99
N SER B 198 -10.17 -20.54 23.26
CA SER B 198 -8.93 -19.79 23.45
C SER B 198 -8.26 -20.21 24.76
N SER B 199 -6.93 -20.05 24.79
CA SER B 199 -6.11 -20.65 25.84
C SER B 199 -5.02 -19.65 26.23
N ARG B 200 -4.07 -20.13 27.02
CA ARG B 200 -2.77 -19.47 27.13
C ARG B 200 -1.91 -19.81 25.91
N LYS B 201 -2.10 -20.99 25.31
CA LYS B 201 -1.38 -21.48 24.13
C LYS B 201 -1.67 -20.68 22.85
N THR B 202 -2.61 -19.72 22.85
CA THR B 202 -3.14 -19.18 21.59
C THR B 202 -2.85 -17.69 21.37
N ILE B 203 -1.99 -17.06 22.16
CA ILE B 203 -1.72 -15.63 21.94
C ILE B 203 -0.81 -15.43 20.72
N SER B 204 -0.05 -16.47 20.33
CA SER B 204 0.77 -16.45 19.10
C SER B 204 0.36 -17.56 18.14
N SER B 205 -0.95 -17.82 18.02
CA SER B 205 -1.48 -18.80 17.08
C SER B 205 -2.16 -18.06 15.93
N GLU B 206 -1.80 -18.44 14.70
CA GLU B 206 -2.33 -17.74 13.53
C GLU B 206 -3.81 -18.02 13.31
N ASP B 207 -4.33 -19.12 13.85
CA ASP B 207 -5.71 -19.51 13.58
C ASP B 207 -6.67 -19.19 14.73
N GLU B 208 -6.22 -19.40 16.00
CA GLU B 208 -7.05 -19.44 17.19
C GLU B 208 -7.23 -18.08 17.85
N PRO B 209 -8.40 -17.85 18.47
CA PRO B 209 -8.60 -16.57 19.14
C PRO B 209 -7.70 -16.42 20.35
N PHE B 210 -7.47 -15.17 20.73
CA PHE B 210 -6.56 -14.84 21.81
C PHE B 210 -7.23 -13.89 22.77
N ASN B 211 -6.93 -14.04 24.05
CA ASN B 211 -7.51 -13.17 25.07
C ASN B 211 -6.55 -12.03 25.34
N LEU B 212 -7.07 -10.80 25.17
CA LEU B 212 -6.30 -9.60 25.50
C LEU B 212 -5.88 -9.62 26.96
N ARG B 213 -6.85 -9.57 27.85
CA ARG B 213 -6.69 -9.67 29.28
C ARG B 213 -6.09 -10.97 29.73
N SER B 214 -5.61 -11.86 28.85
CA SER B 214 -5.03 -13.12 29.30
C SER B 214 -3.64 -12.93 29.88
N ARG B 215 -2.91 -11.91 29.43
CA ARG B 215 -1.57 -11.62 29.91
C ARG B 215 -1.57 -10.44 30.86
N ASN B 216 -0.41 -10.16 31.44
CA ASN B 216 -0.29 -9.04 32.37
C ASN B 216 -0.48 -7.74 31.60
N PRO B 217 -1.21 -6.78 32.17
CA PRO B 217 -1.31 -5.46 31.54
C PRO B 217 0.07 -4.86 31.35
N ILE B 218 0.18 -3.89 30.43
CA ILE B 218 1.48 -3.23 30.36
C ILE B 218 1.58 -2.18 31.46
N TYR B 219 0.45 -1.56 31.83
CA TYR B 219 0.40 -0.62 32.94
C TYR B 219 -0.68 -1.08 33.92
N SER B 220 -0.41 -0.96 35.21
CA SER B 220 -1.36 -1.44 36.23
C SER B 220 -1.10 -0.72 37.54
N ASN B 221 -2.10 0.00 38.05
CA ASN B 221 -2.03 0.55 39.40
C ASN B 221 -3.46 0.76 39.88
N ASN B 222 -3.60 1.09 41.18
CA ASN B 222 -4.90 1.09 41.84
C ASN B 222 -5.89 2.09 41.26
N PHE B 223 -5.71 2.49 40.02
CA PHE B 223 -6.66 3.38 39.39
C PHE B 223 -6.99 3.00 37.97
N GLY B 224 -6.22 2.10 37.37
CA GLY B 224 -6.44 1.71 36.01
C GLY B 224 -5.57 0.55 35.62
N LYS B 225 -6.06 -0.23 34.65
CA LYS B 225 -5.29 -1.28 34.03
C LYS B 225 -5.27 -1.01 32.54
N PHE B 226 -4.22 -1.49 31.86
CA PHE B 226 -3.98 -1.19 30.45
C PHE B 226 -3.50 -2.47 29.80
N PHE B 227 -4.34 -3.07 28.98
CA PHE B 227 -3.95 -4.31 28.32
C PHE B 227 -3.64 -4.00 26.87
N GLU B 228 -2.68 -4.73 26.31
CA GLU B 228 -2.36 -4.48 24.92
C GLU B 228 -1.62 -5.66 24.32
N ILE B 229 -2.03 -6.04 23.11
CA ILE B 229 -1.34 -7.03 22.29
C ILE B 229 -0.92 -6.31 21.02
N THR B 230 0.34 -6.49 20.62
CA THR B 230 0.94 -5.74 19.54
C THR B 230 1.18 -6.62 18.33
N PRO B 231 1.45 -6.04 17.16
CA PRO B 231 1.87 -6.86 16.01
C PRO B 231 3.05 -7.78 16.30
N GLU B 232 3.90 -7.42 17.24
CA GLU B 232 5.11 -8.18 17.48
C GLU B 232 4.78 -9.55 18.02
N LYS B 233 3.73 -9.66 18.84
CA LYS B 233 3.44 -10.86 19.61
C LYS B 233 2.33 -11.72 19.01
N ASN B 234 1.61 -11.24 18.00
CA ASN B 234 0.53 -12.03 17.45
C ASN B 234 0.65 -12.09 15.93
N PRO B 235 0.41 -13.26 15.32
CA PRO B 235 0.58 -13.36 13.87
C PRO B 235 -0.58 -12.75 13.12
N GLN B 236 -1.77 -12.71 13.72
CA GLN B 236 -2.93 -12.13 13.05
C GLN B 236 -2.85 -10.60 13.01
N LEU B 237 -2.50 -10.00 14.14
CA LEU B 237 -2.36 -8.55 14.19
C LEU B 237 -1.15 -8.06 13.41
N ARG B 238 -0.19 -8.94 13.08
CA ARG B 238 0.95 -8.54 12.25
C ARG B 238 0.63 -8.49 10.76
N ASP B 239 -0.24 -9.39 10.23
CA ASP B 239 -0.66 -9.24 8.84
C ASP B 239 -1.63 -8.08 8.65
N LEU B 240 -2.34 -7.72 9.70
CA LEU B 240 -3.12 -6.49 9.64
C LEU B 240 -2.32 -5.25 10.00
N ASP B 241 -1.22 -5.39 10.75
CA ASP B 241 -0.47 -4.25 11.29
C ASP B 241 -1.37 -3.36 12.15
N ILE B 242 -1.73 -3.93 13.30
CA ILE B 242 -2.73 -3.37 14.19
C ILE B 242 -2.40 -3.81 15.61
N PHE B 243 -2.71 -2.97 16.58
CA PHE B 243 -2.68 -3.44 17.96
C PHE B 243 -4.08 -3.36 18.57
N LEU B 244 -4.26 -4.13 19.63
CA LEU B 244 -5.50 -4.23 20.38
C LEU B 244 -5.25 -3.88 21.83
N SER B 245 -6.21 -3.21 22.45
CA SER B 245 -6.06 -2.82 23.85
C SER B 245 -7.41 -2.66 24.51
N SER B 246 -7.54 -3.28 25.68
CA SER B 246 -8.61 -3.03 26.63
C SER B 246 -8.00 -2.27 27.79
N VAL B 247 -8.69 -1.25 28.29
CA VAL B 247 -8.13 -0.47 29.38
C VAL B 247 -9.25 -0.04 30.32
N ASP B 248 -9.15 -0.42 31.59
CA ASP B 248 -10.13 -0.02 32.60
C ASP B 248 -9.54 1.13 33.39
N ILE B 249 -10.36 2.15 33.64
CA ILE B 249 -9.99 3.31 34.44
C ILE B 249 -11.06 3.47 35.52
N ASN B 250 -10.69 3.23 36.77
CA ASN B 250 -11.59 3.45 37.90
C ASN B 250 -12.14 4.88 37.88
N GLU B 251 -13.33 5.05 38.45
CA GLU B 251 -13.96 6.37 38.45
C GLU B 251 -13.04 7.36 39.16
N GLY B 252 -13.07 8.61 38.70
CA GLY B 252 -12.24 9.64 39.29
C GLY B 252 -10.79 9.61 38.87
N ALA B 253 -10.28 8.48 38.41
CA ALA B 253 -8.93 8.42 37.87
C ALA B 253 -8.89 9.02 36.46
N LEU B 254 -7.72 8.99 35.85
CA LEU B 254 -7.60 9.37 34.45
C LEU B 254 -6.38 8.71 33.85
N LEU B 255 -6.28 8.83 32.54
CA LEU B 255 -5.18 8.30 31.74
C LEU B 255 -4.35 9.50 31.31
N LEU B 256 -3.25 9.75 32.04
CA LEU B 256 -2.29 10.84 31.87
C LEU B 256 -2.08 11.23 30.41
N PRO B 257 -1.86 12.52 30.14
CA PRO B 257 -1.62 12.95 28.75
C PRO B 257 -0.51 12.14 28.12
N HIS B 258 -0.67 11.83 26.86
CA HIS B 258 0.30 10.99 26.16
C HIS B 258 -0.09 11.02 24.69
N PHE B 259 0.77 10.45 23.86
CA PHE B 259 0.44 10.37 22.44
C PHE B 259 1.10 9.14 21.84
N ASN B 260 0.52 8.66 20.74
CA ASN B 260 1.03 7.49 20.03
C ASN B 260 1.94 7.98 18.91
N SER B 261 3.13 7.37 18.81
CA SER B 261 4.12 7.82 17.83
C SER B 261 3.62 7.65 16.39
N LYS B 262 3.17 6.47 16.01
CA LYS B 262 2.69 6.41 14.63
C LYS B 262 1.31 5.79 14.41
N ALA B 263 0.64 5.32 15.45
CA ALA B 263 -0.67 4.66 15.33
C ALA B 263 -1.82 5.66 15.39
N ILE B 264 -2.67 5.62 14.38
CA ILE B 264 -4.03 6.14 14.51
C ILE B 264 -4.78 5.20 15.44
N VAL B 265 -5.49 5.76 16.40
CA VAL B 265 -6.22 4.94 17.36
C VAL B 265 -7.71 5.21 17.20
N ILE B 266 -8.46 4.13 16.95
CA ILE B 266 -9.92 4.11 17.02
C ILE B 266 -10.30 3.55 18.38
N LEU B 267 -10.98 4.32 19.22
CA LEU B 267 -11.47 3.74 20.46
C LEU B 267 -12.98 3.86 20.56
N VAL B 268 -13.58 2.76 21.05
CA VAL B 268 -15.01 2.62 21.31
C VAL B 268 -15.18 2.42 22.81
N ILE B 269 -16.13 3.13 23.42
CA ILE B 269 -16.33 3.05 24.86
C ILE B 269 -17.23 1.86 25.17
N ASN B 270 -16.74 0.94 26.01
CA ASN B 270 -17.47 -0.29 26.31
C ASN B 270 -18.44 -0.16 27.47
N GLU B 271 -18.22 0.77 28.39
CA GLU B 271 -19.03 0.94 29.59
C GLU B 271 -18.51 2.13 30.40
N GLY B 272 -19.41 2.80 31.12
CA GLY B 272 -19.07 3.97 31.90
C GLY B 272 -18.90 5.18 31.00
N ASP B 273 -18.42 6.28 31.60
CA ASP B 273 -18.30 7.56 30.89
C ASP B 273 -16.94 8.20 31.11
N ALA B 274 -16.48 8.87 30.06
CA ALA B 274 -15.21 9.58 30.12
C ALA B 274 -15.35 10.91 29.39
N ASN B 275 -14.66 11.92 29.90
CA ASN B 275 -14.33 13.10 29.11
C ASN B 275 -13.00 12.85 28.43
N ILE B 276 -12.92 13.21 27.16
CA ILE B 276 -11.66 13.18 26.42
C ILE B 276 -11.33 14.59 25.96
N GLU B 277 -10.03 14.90 25.91
CA GLU B 277 -9.50 16.11 25.28
C GLU B 277 -8.42 15.64 24.33
N LEU B 278 -8.45 16.13 23.09
CA LEU B 278 -7.41 15.84 22.12
C LEU B 278 -6.84 17.18 21.65
N VAL B 279 -5.52 17.25 21.42
CA VAL B 279 -4.92 18.49 20.91
C VAL B 279 -4.32 18.23 19.52
N GLY B 280 -4.71 19.08 18.57
CA GLY B 280 -4.11 19.17 17.24
C GLY B 280 -3.59 20.59 17.06
N ILE B 281 -3.28 21.03 15.83
CA ILE B 281 -2.59 22.32 15.69
C ILE B 281 -3.39 23.37 14.91
N GLU B 296 -0.37 27.49 16.78
CA GLU B 296 -1.48 27.62 17.73
C GLU B 296 -2.32 26.34 17.89
N VAL B 297 -2.60 26.03 19.13
CA VAL B 297 -3.06 24.71 19.53
C VAL B 297 -4.58 24.67 19.59
N GLN B 298 -5.14 23.60 19.05
CA GLN B 298 -6.59 23.45 18.90
C GLN B 298 -7.08 22.32 19.80
N ARG B 299 -7.73 22.64 20.91
CA ARG B 299 -8.32 21.56 21.69
C ARG B 299 -9.57 21.03 21.00
N TYR B 300 -9.76 19.71 21.10
CA TYR B 300 -10.95 18.98 20.65
C TYR B 300 -11.39 18.20 21.88
N ARG B 301 -12.38 18.70 22.61
CA ARG B 301 -12.88 18.05 23.81
C ARG B 301 -14.17 17.27 23.48
N ALA B 302 -14.54 16.30 24.35
CA ALA B 302 -15.72 15.46 24.10
C ALA B 302 -16.18 14.60 25.29
N GLU B 303 -17.47 14.67 25.63
CA GLU B 303 -18.09 13.84 26.68
C GLU B 303 -18.63 12.55 26.07
N LEU B 304 -17.93 11.45 26.29
CA LEU B 304 -18.23 10.16 25.71
C LEU B 304 -19.06 9.32 26.68
N SER B 305 -19.92 8.48 26.12
CA SER B 305 -20.78 7.61 26.91
C SER B 305 -20.60 6.20 26.37
N GLU B 306 -21.56 5.34 26.64
CA GLU B 306 -21.48 3.97 26.16
C GLU B 306 -21.69 3.96 24.66
N ASP B 307 -20.84 3.23 23.95
CA ASP B 307 -20.93 2.92 22.51
C ASP B 307 -20.35 4.00 21.58
N ASP B 308 -19.91 5.17 22.07
CA ASP B 308 -19.31 6.18 21.19
C ASP B 308 -17.92 5.78 20.72
N VAL B 309 -17.53 6.40 19.62
CA VAL B 309 -16.22 6.18 18.99
C VAL B 309 -15.46 7.51 18.98
N PHE B 310 -14.28 7.53 19.60
CA PHE B 310 -13.37 8.68 19.50
C PHE B 310 -12.10 8.24 18.78
N VAL B 311 -11.73 8.99 17.73
CA VAL B 311 -10.49 8.75 16.99
C VAL B 311 -9.41 9.73 17.43
N ILE B 312 -8.22 9.20 17.71
CA ILE B 312 -7.01 9.95 17.99
C ILE B 312 -6.07 9.78 16.80
N PRO B 313 -5.86 10.81 15.98
CA PRO B 313 -4.89 10.67 14.89
C PRO B 313 -3.53 10.40 15.51
N ALA B 314 -2.60 9.93 14.69
CA ALA B 314 -1.30 9.58 15.24
C ALA B 314 -0.55 10.85 15.64
N ALA B 315 0.12 10.79 16.78
CA ALA B 315 0.94 11.85 17.38
C ALA B 315 0.12 12.96 18.01
N TYR B 316 -1.18 12.87 18.04
CA TYR B 316 -1.86 13.95 18.76
C TYR B 316 -1.95 13.62 20.24
N PRO B 317 -1.51 14.48 21.15
CA PRO B 317 -1.63 14.18 22.59
C PRO B 317 -3.08 14.21 23.04
N PHE B 318 -3.46 13.28 23.91
CA PHE B 318 -4.83 13.20 24.42
C PHE B 318 -4.87 12.60 25.82
N VAL B 319 -5.93 12.93 26.56
CA VAL B 319 -6.16 12.41 27.90
C VAL B 319 -7.56 11.76 27.92
N VAL B 320 -7.75 10.75 28.77
CA VAL B 320 -9.07 10.17 29.01
C VAL B 320 -9.41 10.35 30.49
N ASN B 321 -10.57 10.93 30.77
CA ASN B 321 -10.95 11.35 32.12
C ASN B 321 -12.20 10.60 32.57
N ALA B 322 -12.01 9.58 33.42
CA ALA B 322 -13.06 8.60 33.77
C ALA B 322 -13.97 9.17 34.85
N THR B 323 -15.18 9.55 34.44
CA THR B 323 -16.25 10.04 35.30
C THR B 323 -17.09 8.92 35.93
N SER B 324 -16.68 7.65 35.80
CA SER B 324 -17.47 6.49 36.21
C SER B 324 -16.78 5.24 35.70
N ASN B 325 -16.62 4.24 36.58
CA ASN B 325 -15.86 3.03 36.31
C ASN B 325 -15.85 2.64 34.84
N LEU B 326 -14.77 2.98 34.15
CA LEU B 326 -14.68 2.97 32.70
C LEU B 326 -13.88 1.76 32.22
N ASN B 327 -14.22 1.28 31.03
CA ASN B 327 -13.37 0.37 30.27
C ASN B 327 -13.66 0.59 28.80
N PHE B 328 -12.62 0.52 27.97
CA PHE B 328 -12.81 0.80 26.56
C PHE B 328 -11.84 -0.02 25.75
N LEU B 329 -12.13 -0.09 24.45
CA LEU B 329 -11.39 -0.88 23.47
C LEU B 329 -10.73 0.06 22.46
N ALA B 330 -9.50 -0.25 22.09
CA ALA B 330 -8.77 0.57 21.13
C ALA B 330 -8.23 -0.31 20.00
N PHE B 331 -8.44 0.13 18.76
CA PHE B 331 -7.81 -0.48 17.60
C PHE B 331 -6.69 0.44 17.16
N GLY B 332 -5.47 -0.07 17.11
CA GLY B 332 -4.34 0.73 16.70
C GLY B 332 -3.99 0.54 15.25
N ILE B 333 -4.21 1.54 14.41
CA ILE B 333 -3.93 1.42 12.98
C ILE B 333 -2.50 1.83 12.71
N ASN B 334 -1.81 1.08 11.86
CA ASN B 334 -0.38 1.21 11.60
C ASN B 334 0.41 1.16 12.91
N ALA B 335 0.42 -0.03 13.52
CA ALA B 335 0.96 -0.19 14.88
C ALA B 335 2.40 -0.68 14.93
N GLU B 336 3.00 -1.07 13.81
CA GLU B 336 4.29 -1.74 13.86
C GLU B 336 5.33 -0.78 14.43
N ASN B 337 5.81 -1.06 15.65
CA ASN B 337 6.86 -0.28 16.33
C ASN B 337 6.33 1.05 16.87
N ASN B 338 5.04 1.12 17.11
CA ASN B 338 4.47 2.29 17.75
C ASN B 338 5.08 2.43 19.13
N GLN B 339 5.28 3.68 19.57
CA GLN B 339 5.69 3.95 20.93
C GLN B 339 4.66 4.86 21.59
N ARG B 340 4.27 4.50 22.80
CA ARG B 340 3.46 5.39 23.59
C ARG B 340 4.38 6.32 24.37
N ASN B 341 3.97 7.58 24.50
CA ASN B 341 4.84 8.64 24.97
C ASN B 341 4.03 9.46 25.95
N PHE B 342 4.36 9.41 27.23
CA PHE B 342 3.63 10.20 28.21
C PHE B 342 4.29 11.56 28.44
N LEU B 343 3.49 12.48 29.00
CA LEU B 343 3.96 13.83 29.32
C LEU B 343 3.90 14.14 30.80
N ALA B 344 3.17 13.33 31.58
CA ALA B 344 3.13 13.46 33.03
C ALA B 344 3.51 12.11 33.64
N GLY B 345 3.59 12.08 34.97
CA GLY B 345 3.85 10.85 35.69
C GLY B 345 5.28 10.37 35.56
N GLU B 346 5.63 9.44 36.45
CA GLU B 346 7.03 9.02 36.59
C GLU B 346 7.52 8.27 35.37
N LYS B 347 6.82 7.22 34.95
CA LYS B 347 7.37 6.30 33.97
C LYS B 347 6.91 6.63 32.54
N ASP B 348 7.82 6.40 31.59
CA ASP B 348 7.62 6.66 30.16
C ASP B 348 7.27 8.14 29.88
N ASN B 349 8.03 9.03 30.49
CA ASN B 349 7.82 10.48 30.38
C ASN B 349 8.86 11.09 29.45
N VAL B 350 8.46 11.39 28.22
CA VAL B 350 9.38 12.03 27.28
C VAL B 350 9.95 13.31 27.86
N VAL B 351 9.10 14.14 28.48
CA VAL B 351 9.50 15.45 29.02
C VAL B 351 10.56 15.33 30.11
N ARG B 352 10.77 14.12 30.62
CA ARG B 352 11.79 13.84 31.60
C ARG B 352 13.05 13.33 30.96
N GLN B 353 13.06 13.13 29.66
CA GLN B 353 14.23 12.59 28.99
C GLN B 353 14.96 13.62 28.19
N ILE B 354 14.45 14.84 28.16
CA ILE B 354 15.16 15.95 27.55
C ILE B 354 16.37 16.29 28.43
N GLU B 355 17.50 16.60 27.79
CA GLU B 355 18.66 17.08 28.54
C GLU B 355 18.28 18.24 29.44
N ARG B 356 19.03 18.41 30.53
CA ARG B 356 18.74 19.52 31.43
C ARG B 356 18.87 20.86 30.73
N GLN B 357 20.00 21.08 30.06
CA GLN B 357 20.23 22.40 29.50
C GLN B 357 19.22 22.73 28.41
N VAL B 358 18.59 21.71 27.81
CA VAL B 358 17.52 21.96 26.85
C VAL B 358 16.17 22.13 27.54
N GLN B 359 16.04 21.69 28.78
CA GLN B 359 14.86 22.08 29.54
C GLN B 359 14.91 23.56 29.90
N GLU B 360 16.11 24.09 30.21
CA GLU B 360 16.29 25.53 30.47
C GLU B 360 15.81 26.38 29.31
N LEU B 361 16.20 25.98 28.08
CA LEU B 361 15.89 26.76 26.89
C LEU B 361 14.45 26.60 26.43
N ALA B 362 13.80 25.48 26.75
CA ALA B 362 12.52 25.20 26.12
C ALA B 362 11.32 25.74 26.88
N PHE B 363 11.44 25.97 28.18
CA PHE B 363 10.39 26.62 28.94
C PHE B 363 10.89 27.85 29.72
N PRO B 364 10.00 28.81 30.02
CA PRO B 364 10.33 29.81 31.04
C PRO B 364 10.52 29.14 32.39
N GLY B 365 11.75 28.77 32.72
CA GLY B 365 11.96 28.12 34.00
C GLY B 365 13.31 27.47 34.07
N SER B 366 13.86 27.37 35.29
CA SER B 366 15.18 26.81 35.47
C SER B 366 15.13 25.28 35.40
N ALA B 367 16.32 24.69 35.20
CA ALA B 367 16.45 23.24 35.25
C ALA B 367 16.04 22.73 36.63
N GLN B 368 16.51 23.38 37.69
CA GLN B 368 16.04 23.03 39.02
C GLN B 368 14.53 23.22 39.11
N ASP B 369 14.01 24.26 38.45
CA ASP B 369 12.58 24.58 38.53
C ASP B 369 11.74 23.54 37.80
N VAL B 370 12.18 23.14 36.59
CA VAL B 370 11.44 22.16 35.77
C VAL B 370 11.59 20.75 36.33
N GLU B 371 12.81 20.36 36.74
CA GLU B 371 13.01 19.09 37.44
C GLU B 371 12.03 18.95 38.61
N ARG B 372 11.90 20.01 39.40
CA ARG B 372 11.04 19.98 40.58
C ARG B 372 9.59 19.69 40.20
N LEU B 373 9.07 20.40 39.19
CA LEU B 373 7.66 20.27 38.85
C LEU B 373 7.36 18.91 38.22
N LEU B 374 8.32 18.33 37.48
CA LEU B 374 8.08 17.02 36.89
C LEU B 374 8.13 15.90 37.91
N LYS B 375 9.06 15.96 38.86
CA LYS B 375 9.16 14.92 39.88
C LYS B 375 7.93 14.85 40.77
N LYS B 376 7.04 15.85 40.73
CA LYS B 376 5.99 15.99 41.72
C LYS B 376 4.99 14.84 41.66
N GLN B 377 4.50 14.53 40.46
CA GLN B 377 3.53 13.45 40.30
C GLN B 377 4.27 12.12 40.41
N ARG B 378 4.05 11.42 41.51
CA ARG B 378 4.86 10.25 41.84
C ARG B 378 4.29 8.93 41.30
N GLU B 379 3.17 8.96 40.56
CA GLU B 379 2.65 7.73 39.98
C GLU B 379 2.81 7.74 38.46
N SER B 380 2.44 6.62 37.85
CA SER B 380 2.59 6.45 36.41
C SER B 380 1.27 6.03 35.79
N TYR B 381 1.09 6.43 34.53
CA TYR B 381 0.04 5.93 33.64
C TYR B 381 -1.37 6.33 34.07
N PHE B 382 -1.79 5.95 35.28
CA PHE B 382 -3.13 6.27 35.77
C PHE B 382 -2.97 6.96 37.11
N VAL B 383 -3.65 8.10 37.29
CA VAL B 383 -3.58 8.81 38.56
C VAL B 383 -4.96 9.29 38.98
N ASP B 384 -5.10 9.52 40.28
CA ASP B 384 -6.35 9.94 40.89
C ASP B 384 -6.61 11.41 40.62
N ALA B 385 -7.75 11.68 40.02
CA ALA B 385 -8.34 13.02 39.98
C ALA B 385 -9.62 13.01 40.81
N ASN C 1 -26.80 -3.58 -19.19
CA ASN C 1 -25.56 -2.88 -18.89
C ASN C 1 -24.84 -3.47 -17.66
N ASN C 2 -23.79 -4.24 -17.92
CA ASN C 2 -23.11 -4.96 -16.86
C ASN C 2 -21.79 -4.27 -16.55
N PRO C 3 -21.72 -3.42 -15.52
CA PRO C 3 -20.47 -2.67 -15.26
C PRO C 3 -19.24 -3.54 -15.10
N PHE C 4 -19.41 -4.83 -14.77
CA PHE C 4 -18.30 -5.76 -14.63
C PHE C 4 -17.93 -6.44 -15.94
N TYR C 5 -18.58 -6.07 -17.05
CA TYR C 5 -18.40 -6.72 -18.34
C TYR C 5 -17.92 -5.68 -19.34
N LEU C 6 -16.86 -6.01 -20.07
CA LEU C 6 -16.26 -5.10 -21.02
C LEU C 6 -16.27 -5.76 -22.39
N ARG C 7 -17.04 -5.19 -23.32
CA ARG C 7 -17.18 -5.76 -24.65
C ARG C 7 -15.97 -5.36 -25.49
N SER C 8 -15.22 -6.35 -26.00
CA SER C 8 -13.96 -6.05 -26.68
C SER C 8 -14.15 -5.15 -27.89
N SER C 9 -15.37 -5.07 -28.42
CA SER C 9 -15.63 -4.23 -29.59
C SER C 9 -15.67 -2.75 -29.25
N ASN C 10 -15.91 -2.39 -27.98
CA ASN C 10 -16.00 -0.97 -27.63
C ASN C 10 -15.32 -0.62 -26.30
N SER C 11 -14.43 -1.49 -25.81
CA SER C 11 -13.76 -1.25 -24.53
C SER C 11 -12.24 -1.32 -24.63
N PHE C 12 -11.70 -1.73 -25.76
CA PHE C 12 -10.29 -1.61 -26.03
C PHE C 12 -10.01 -0.30 -26.77
N GLN C 13 -8.72 0.00 -26.91
CA GLN C 13 -8.24 1.15 -27.67
C GLN C 13 -6.91 0.76 -28.30
N THR C 14 -6.76 0.99 -29.59
CA THR C 14 -5.60 0.53 -30.32
C THR C 14 -4.50 1.60 -30.22
N LEU C 15 -3.34 1.20 -29.75
CA LEU C 15 -2.24 2.15 -29.62
C LEU C 15 -1.50 2.31 -30.95
N PHE C 16 -1.03 1.20 -31.51
CA PHE C 16 -0.47 1.12 -32.85
C PHE C 16 -1.03 -0.12 -33.55
N GLU C 17 -0.99 -0.11 -34.89
CA GLU C 17 -1.61 -1.16 -35.70
C GLU C 17 -1.10 -1.05 -37.15
N ASN C 18 -0.62 -2.17 -37.70
CA ASN C 18 -0.23 -2.20 -39.12
C ASN C 18 -0.44 -3.61 -39.65
N GLN C 19 0.07 -3.85 -40.87
CA GLN C 19 -0.09 -5.15 -41.54
C GLN C 19 0.72 -6.26 -40.87
N ASN C 20 1.46 -5.95 -39.82
CA ASN C 20 2.29 -6.93 -39.13
C ASN C 20 1.83 -7.22 -37.71
N GLY C 21 0.78 -6.57 -37.25
CA GLY C 21 0.30 -6.75 -35.89
C GLY C 21 -0.39 -5.50 -35.37
N ARG C 22 -1.11 -5.68 -34.26
CA ARG C 22 -1.73 -4.56 -33.57
C ARG C 22 -1.60 -4.76 -32.06
N ILE C 23 -1.48 -3.66 -31.33
CA ILE C 23 -1.47 -3.66 -29.87
C ILE C 23 -2.68 -2.87 -29.38
N ARG C 24 -3.41 -3.46 -28.44
CA ARG C 24 -4.66 -2.89 -27.95
C ARG C 24 -4.60 -2.76 -26.44
N LEU C 25 -5.26 -1.74 -25.92
CA LEU C 25 -5.11 -1.36 -24.53
C LEU C 25 -6.50 -1.18 -23.94
N LEU C 26 -6.86 -2.07 -23.01
CA LEU C 26 -8.16 -2.01 -22.37
C LEU C 26 -8.37 -0.67 -21.69
N GLN C 27 -9.63 -0.28 -21.56
CA GLN C 27 -9.92 0.96 -20.84
C GLN C 27 -9.70 0.76 -19.34
N ARG C 28 -10.04 1.79 -18.55
CA ARG C 28 -9.71 1.85 -17.13
C ARG C 28 -10.86 1.30 -16.31
N PHE C 29 -10.58 0.25 -15.54
CA PHE C 29 -11.60 -0.48 -14.79
C PHE C 29 -12.48 0.39 -13.91
N ASN C 30 -12.04 1.59 -13.53
CA ASN C 30 -12.87 2.41 -12.65
C ASN C 30 -13.54 3.58 -13.35
N LYS C 31 -13.10 3.96 -14.56
CA LYS C 31 -13.88 4.85 -15.39
C LYS C 31 -15.11 4.16 -15.97
N ARG C 32 -15.10 2.83 -16.06
CA ARG C 32 -16.31 2.08 -16.39
C ARG C 32 -17.31 2.23 -15.25
N SER C 33 -16.98 1.63 -14.10
CA SER C 33 -17.80 1.79 -12.91
C SER C 33 -16.91 2.09 -11.73
N PRO C 34 -17.21 3.14 -10.94
CA PRO C 34 -16.45 3.39 -9.71
C PRO C 34 -16.53 2.24 -8.70
N GLN C 35 -17.40 1.25 -8.93
CA GLN C 35 -17.40 0.06 -8.11
C GLN C 35 -16.09 -0.72 -8.21
N LEU C 36 -15.27 -0.40 -9.21
CA LEU C 36 -14.05 -1.14 -9.49
C LEU C 36 -12.81 -0.37 -9.05
N GLU C 37 -12.95 0.45 -8.01
CA GLU C 37 -11.93 1.44 -7.69
C GLU C 37 -10.62 0.78 -7.32
N ASN C 38 -10.69 -0.40 -6.72
CA ASN C 38 -9.50 -1.10 -6.26
C ASN C 38 -8.74 -1.78 -7.38
N LEU C 39 -9.19 -1.69 -8.63
CA LEU C 39 -8.41 -2.13 -9.77
C LEU C 39 -7.75 -0.97 -10.49
N ARG C 40 -7.84 0.25 -9.92
CA ARG C 40 -7.42 1.44 -10.63
C ARG C 40 -5.93 1.44 -10.95
N ASP C 41 -5.15 0.55 -10.36
CA ASP C 41 -3.72 0.45 -10.65
C ASP C 41 -3.40 -0.63 -11.68
N TYR C 42 -4.36 -1.04 -12.51
CA TYR C 42 -4.16 -2.16 -13.42
C TYR C 42 -4.73 -1.84 -14.79
N ARG C 43 -4.10 -2.42 -15.82
CA ARG C 43 -4.56 -2.30 -17.19
C ARG C 43 -4.29 -3.60 -17.93
N ILE C 44 -5.15 -3.91 -18.90
CA ILE C 44 -5.05 -5.13 -19.70
C ILE C 44 -4.60 -4.73 -21.10
N VAL C 45 -3.59 -5.44 -21.62
CA VAL C 45 -3.01 -5.16 -22.93
C VAL C 45 -3.03 -6.43 -23.75
N GLN C 46 -3.41 -6.31 -25.03
CA GLN C 46 -3.49 -7.44 -25.96
C GLN C 46 -2.54 -7.18 -27.13
N PHE C 47 -1.63 -8.10 -27.38
CA PHE C 47 -0.67 -7.99 -28.46
C PHE C 47 -0.87 -9.14 -29.44
N GLN C 48 -0.95 -8.83 -30.74
CA GLN C 48 -0.99 -9.85 -31.78
C GLN C 48 -0.08 -9.47 -32.93
N SER C 49 0.66 -10.47 -33.46
CA SER C 49 1.59 -10.25 -34.56
C SER C 49 1.62 -11.44 -35.50
N LYS C 50 1.57 -11.13 -36.82
CA LYS C 50 1.80 -12.04 -37.94
C LYS C 50 3.11 -12.79 -37.76
N PRO C 51 3.36 -13.86 -38.51
CA PRO C 51 4.64 -14.56 -38.39
C PRO C 51 5.81 -13.71 -38.86
N ASN C 52 6.99 -14.03 -38.33
CA ASN C 52 8.26 -13.45 -38.78
C ASN C 52 8.30 -11.93 -38.59
N THR C 53 7.98 -11.48 -37.37
CA THR C 53 7.88 -10.05 -37.10
C THR C 53 8.55 -9.73 -35.77
N ILE C 54 8.91 -8.45 -35.64
CA ILE C 54 9.55 -7.95 -34.44
C ILE C 54 8.86 -6.66 -33.99
N LEU C 55 8.63 -6.58 -32.68
CA LEU C 55 8.24 -5.34 -32.02
C LEU C 55 9.52 -4.62 -31.64
N LEU C 56 9.74 -3.44 -32.21
CA LEU C 56 11.01 -2.74 -32.03
C LEU C 56 11.25 -2.40 -30.55
N PRO C 57 12.53 -2.31 -30.15
CA PRO C 57 12.87 -2.11 -28.73
C PRO C 57 12.24 -0.87 -28.12
N HIS C 58 11.95 -0.98 -26.83
CA HIS C 58 11.13 0.00 -26.13
C HIS C 58 11.16 -0.32 -24.64
N HIS C 59 10.57 0.57 -23.86
CA HIS C 59 10.33 0.33 -22.44
C HIS C 59 9.10 1.16 -22.05
N ALA C 60 8.57 0.87 -20.87
CA ALA C 60 7.41 1.61 -20.40
C ALA C 60 7.51 1.78 -18.89
N ASP C 61 6.75 2.72 -18.37
CA ASP C 61 6.79 3.00 -16.92
C ASP C 61 5.78 2.14 -16.17
N ALA C 62 5.81 0.84 -16.46
CA ALA C 62 4.83 -0.08 -15.90
C ALA C 62 5.41 -1.48 -15.80
N ASP C 63 5.18 -2.10 -14.65
CA ASP C 63 5.39 -3.54 -14.54
C ASP C 63 4.52 -4.31 -15.53
N PHE C 64 5.14 -5.29 -16.19
CA PHE C 64 4.43 -6.15 -17.13
C PHE C 64 4.46 -7.60 -16.67
N LEU C 65 3.28 -8.18 -16.57
CA LEU C 65 3.10 -9.61 -16.38
C LEU C 65 2.50 -10.12 -17.68
N LEU C 66 3.35 -10.69 -18.55
CA LEU C 66 2.87 -11.14 -19.84
C LEU C 66 2.69 -12.66 -19.86
N PHE C 67 1.62 -13.10 -20.51
CA PHE C 67 1.23 -14.50 -20.65
C PHE C 67 1.02 -14.74 -22.14
N VAL C 68 1.61 -15.80 -22.67
CA VAL C 68 1.50 -16.14 -24.08
C VAL C 68 0.29 -17.08 -24.26
N LEU C 69 -0.73 -16.59 -24.95
CA LEU C 69 -1.90 -17.42 -25.20
C LEU C 69 -1.57 -18.48 -26.25
N SER C 70 -1.32 -18.06 -27.49
CA SER C 70 -0.96 -18.97 -28.57
C SER C 70 0.19 -18.39 -29.39
N GLY C 71 0.97 -19.28 -30.00
CA GLY C 71 2.12 -18.92 -30.82
C GLY C 71 3.43 -19.26 -30.13
N ARG C 72 4.52 -18.88 -30.78
CA ARG C 72 5.82 -18.95 -30.12
C ARG C 72 6.47 -17.56 -30.17
N ALA C 73 7.19 -17.20 -29.10
CA ALA C 73 7.77 -15.87 -28.98
C ALA C 73 9.20 -15.97 -28.48
N ILE C 74 10.03 -15.02 -28.94
CA ILE C 74 11.33 -14.77 -28.35
C ILE C 74 11.24 -13.46 -27.60
N LEU C 75 11.38 -13.52 -26.28
CA LEU C 75 11.36 -12.34 -25.43
C LEU C 75 12.79 -12.03 -25.00
N THR C 76 13.30 -10.87 -25.41
CA THR C 76 14.66 -10.48 -25.06
C THR C 76 14.66 -9.19 -24.26
N LEU C 77 15.00 -9.31 -22.97
CA LEU C 77 15.21 -8.16 -22.12
C LEU C 77 16.68 -7.73 -22.19
N VAL C 78 16.92 -6.45 -22.50
CA VAL C 78 18.26 -5.88 -22.50
C VAL C 78 18.46 -5.12 -21.20
N ASN C 79 19.61 -5.31 -20.59
CA ASN C 79 20.03 -4.55 -19.42
C ASN C 79 21.08 -3.52 -19.82
N ASN C 80 21.75 -2.97 -18.80
CA ASN C 80 22.79 -2.01 -19.13
C ASN C 80 24.11 -2.71 -19.44
N ASP C 81 24.46 -3.76 -18.68
CA ASP C 81 25.66 -4.54 -18.97
C ASP C 81 25.39 -5.95 -19.46
N ASP C 82 24.14 -6.41 -19.38
CA ASP C 82 23.75 -7.80 -19.56
C ASP C 82 22.68 -7.87 -20.65
N ARG C 83 22.23 -9.08 -20.96
CA ARG C 83 21.09 -9.31 -21.84
C ARG C 83 20.46 -10.65 -21.45
N ASP C 84 19.18 -10.82 -21.77
CA ASP C 84 18.51 -12.09 -21.49
C ASP C 84 17.41 -12.32 -22.50
N SER C 85 17.52 -13.43 -23.22
CA SER C 85 16.48 -13.86 -24.14
C SER C 85 15.73 -15.05 -23.54
N TYR C 86 14.50 -15.25 -24.01
CA TYR C 86 13.67 -16.34 -23.51
C TYR C 86 12.72 -16.81 -24.61
N ASN C 87 12.63 -18.14 -24.80
CA ASN C 87 11.76 -18.76 -25.80
C ASN C 87 10.44 -19.12 -25.11
N LEU C 88 9.40 -18.38 -25.44
CA LEU C 88 8.09 -18.57 -24.82
C LEU C 88 7.23 -19.50 -25.67
N HIS C 89 6.73 -20.57 -25.05
CA HIS C 89 5.74 -21.49 -25.59
C HIS C 89 4.39 -21.19 -24.95
N PRO C 90 3.28 -21.56 -25.59
CA PRO C 90 1.97 -21.23 -25.03
C PRO C 90 1.80 -21.74 -23.61
N GLY C 91 1.10 -20.94 -22.80
CA GLY C 91 1.03 -21.13 -21.36
C GLY C 91 2.09 -20.39 -20.56
N ASP C 92 3.19 -19.98 -21.20
CA ASP C 92 4.31 -19.38 -20.48
C ASP C 92 3.97 -17.98 -19.99
N ALA C 93 4.38 -17.66 -18.76
CA ALA C 93 4.20 -16.33 -18.20
C ALA C 93 5.54 -15.77 -17.75
N GLN C 94 5.71 -14.46 -17.93
CA GLN C 94 6.96 -13.80 -17.59
C GLN C 94 6.69 -12.38 -17.14
N ARG C 95 7.46 -11.92 -16.16
CA ARG C 95 7.35 -10.54 -15.67
C ARG C 95 8.40 -9.67 -16.34
N ILE C 96 7.95 -8.57 -16.94
CA ILE C 96 8.87 -7.53 -17.39
C ILE C 96 8.84 -6.42 -16.35
N PRO C 97 9.85 -6.37 -15.46
CA PRO C 97 9.89 -5.32 -14.45
C PRO C 97 9.91 -3.95 -15.12
N ALA C 98 9.36 -2.96 -14.43
CA ALA C 98 9.14 -1.64 -15.03
C ALA C 98 10.39 -1.10 -15.73
N GLY C 99 10.17 -0.44 -16.87
CA GLY C 99 11.26 0.22 -17.55
C GLY C 99 12.38 -0.68 -18.03
N THR C 100 12.12 -1.97 -18.27
CA THR C 100 13.09 -2.77 -18.99
C THR C 100 12.99 -2.48 -20.48
N THR C 101 14.15 -2.38 -21.12
CA THR C 101 14.20 -2.40 -22.58
C THR C 101 13.96 -3.83 -23.05
N TYR C 102 13.08 -4.02 -24.03
CA TYR C 102 12.79 -5.37 -24.48
C TYR C 102 12.12 -5.34 -25.85
N TYR C 103 12.39 -6.38 -26.64
CA TYR C 103 11.73 -6.59 -27.90
C TYR C 103 11.18 -8.02 -27.95
N LEU C 104 10.16 -8.18 -28.77
CA LEU C 104 9.46 -9.44 -28.94
C LEU C 104 9.65 -9.92 -30.38
N VAL C 105 10.00 -11.19 -30.55
CA VAL C 105 10.17 -11.80 -31.86
C VAL C 105 9.16 -12.93 -32.02
N ASN C 106 8.53 -12.99 -33.20
CA ASN C 106 7.61 -14.06 -33.59
C ASN C 106 8.29 -14.97 -34.62
N PRO C 107 9.04 -15.98 -34.18
CA PRO C 107 9.86 -16.76 -35.14
C PRO C 107 9.06 -17.74 -36.02
N HIS C 108 7.84 -18.11 -35.63
CA HIS C 108 7.02 -19.04 -36.39
C HIS C 108 6.86 -18.60 -37.84
N ASP C 109 6.66 -19.57 -38.75
CA ASP C 109 6.53 -19.30 -40.18
C ASP C 109 5.11 -19.08 -40.65
N HIS C 110 4.11 -19.58 -39.91
CA HIS C 110 2.72 -19.50 -40.35
C HIS C 110 1.74 -19.15 -39.23
N GLN C 111 2.10 -19.33 -37.97
CA GLN C 111 1.24 -18.98 -36.86
C GLN C 111 1.43 -17.53 -36.43
N ASN C 112 0.34 -16.94 -35.94
CA ASN C 112 0.39 -15.63 -35.31
C ASN C 112 1.04 -15.71 -33.94
N LEU C 113 0.80 -14.68 -33.12
CA LEU C 113 1.24 -14.64 -31.74
C LEU C 113 0.28 -13.74 -30.99
N LYS C 114 -0.38 -14.26 -29.95
CA LYS C 114 -1.30 -13.48 -29.13
C LYS C 114 -0.85 -13.51 -27.69
N ILE C 115 -0.53 -12.33 -27.15
CA ILE C 115 -0.09 -12.14 -25.77
C ILE C 115 -1.07 -11.20 -25.09
N ILE C 116 -1.56 -11.60 -23.92
CA ILE C 116 -2.21 -10.70 -23.00
C ILE C 116 -1.23 -10.45 -21.85
N LYS C 117 -1.04 -9.18 -21.50
CA LYS C 117 -0.17 -8.86 -20.38
C LYS C 117 -0.91 -7.97 -19.38
N LEU C 118 -0.60 -8.19 -18.11
CA LEU C 118 -1.16 -7.34 -17.06
C LEU C 118 -0.17 -6.21 -16.76
N ALA C 119 -0.67 -4.97 -16.73
CA ALA C 119 0.17 -3.77 -16.70
C ALA C 119 -0.15 -2.98 -15.44
N ILE C 120 0.86 -2.81 -14.60
CA ILE C 120 0.76 -1.97 -13.40
C ILE C 120 1.63 -0.73 -13.60
N PRO C 121 1.05 0.47 -13.68
CA PRO C 121 1.86 1.68 -13.92
C PRO C 121 2.53 2.20 -12.65
N VAL C 122 3.66 2.87 -12.87
CA VAL C 122 4.48 3.42 -11.78
C VAL C 122 4.10 4.87 -11.46
N ASN C 123 4.06 5.75 -12.47
CA ASN C 123 3.90 7.19 -12.22
C ASN C 123 2.44 7.57 -11.96
N LYS C 124 1.54 7.33 -12.91
CA LYS C 124 0.14 7.73 -12.77
C LYS C 124 -0.72 6.49 -12.53
N PRO C 125 -1.39 6.35 -11.37
CA PRO C 125 -2.23 5.15 -11.12
C PRO C 125 -3.19 4.80 -12.25
N GLY C 126 -2.84 3.84 -13.09
CA GLY C 126 -3.69 3.40 -14.17
C GLY C 126 -3.24 3.84 -15.54
N ARG C 127 -2.44 4.89 -15.65
CA ARG C 127 -2.06 5.45 -16.94
C ARG C 127 -0.56 5.29 -17.13
N TYR C 128 -0.16 4.85 -18.33
CA TYR C 128 1.26 4.62 -18.59
C TYR C 128 1.58 5.02 -20.02
N ASP C 129 2.87 4.94 -20.37
CA ASP C 129 3.41 5.43 -21.62
C ASP C 129 4.42 4.43 -22.17
N ASP C 130 4.56 4.42 -23.50
CA ASP C 130 5.47 3.53 -24.19
C ASP C 130 6.62 4.37 -24.73
N PHE C 131 7.85 4.08 -24.30
CA PHE C 131 9.02 4.77 -24.79
C PHE C 131 9.72 3.90 -25.82
N PHE C 132 9.76 4.34 -27.08
CA PHE C 132 10.41 3.57 -28.13
C PHE C 132 11.75 4.18 -28.53
N LEU C 133 12.85 3.45 -28.26
CA LEU C 133 14.18 3.81 -28.74
C LEU C 133 14.22 3.95 -30.26
N SER C 134 13.43 3.14 -30.97
CA SER C 134 13.48 3.04 -32.42
C SER C 134 12.92 4.29 -33.10
N SER C 135 13.40 4.54 -34.32
CA SER C 135 13.01 5.71 -35.11
C SER C 135 12.19 5.20 -36.29
N THR C 136 10.88 5.35 -36.19
CA THR C 136 9.95 4.78 -37.14
C THR C 136 9.16 5.92 -37.79
N GLN C 137 8.57 5.64 -38.95
CA GLN C 137 7.64 6.61 -39.52
C GLN C 137 6.43 6.81 -38.62
N ALA C 138 6.17 5.90 -37.68
CA ALA C 138 5.01 6.02 -36.81
C ALA C 138 5.33 6.86 -35.57
N GLN C 139 6.47 6.61 -34.93
CA GLN C 139 6.85 7.24 -33.68
C GLN C 139 8.22 7.88 -33.81
N GLN C 140 8.38 9.05 -33.16
CA GLN C 140 9.72 9.58 -32.99
C GLN C 140 10.45 8.79 -31.92
N SER C 141 11.78 8.79 -32.01
CA SER C 141 12.57 8.23 -30.94
C SER C 141 12.61 9.22 -29.79
N TYR C 142 12.66 8.70 -28.56
CA TYR C 142 12.75 9.62 -27.44
C TYR C 142 14.13 10.26 -27.38
N LEU C 143 15.11 9.67 -28.06
CA LEU C 143 16.36 10.39 -28.32
C LEU C 143 16.11 11.74 -28.95
N GLN C 144 15.09 11.85 -29.79
CA GLN C 144 14.78 13.12 -30.42
C GLN C 144 14.21 14.15 -29.45
N GLY C 145 13.84 13.73 -28.24
CA GLY C 145 13.36 14.69 -27.26
C GLY C 145 14.44 15.57 -26.67
N PHE C 146 15.70 15.32 -27.02
CA PHE C 146 16.81 16.13 -26.58
C PHE C 146 17.11 17.18 -27.64
N SER C 147 18.06 18.07 -27.35
CA SER C 147 18.48 19.10 -28.29
C SER C 147 19.69 18.66 -29.10
N HIS C 148 19.89 19.36 -30.22
CA HIS C 148 21.04 19.06 -31.07
C HIS C 148 22.31 19.05 -30.25
N ASN C 149 22.53 20.13 -29.48
CA ASN C 149 23.74 20.29 -28.67
C ASN C 149 23.92 19.14 -27.69
N ILE C 150 22.88 18.87 -26.89
CA ILE C 150 22.92 17.77 -25.94
C ILE C 150 23.09 16.43 -26.64
N LEU C 151 22.58 16.30 -27.87
CA LEU C 151 22.85 15.04 -28.56
C LEU C 151 24.29 15.00 -29.09
N GLU C 152 24.75 16.08 -29.72
CA GLU C 152 26.12 16.19 -30.21
C GLU C 152 27.14 15.87 -29.10
N THR C 153 27.02 16.55 -27.96
CA THR C 153 27.96 16.34 -26.87
C THR C 153 27.91 14.91 -26.36
N SER C 154 26.70 14.38 -26.18
CA SER C 154 26.52 13.06 -25.55
C SER C 154 27.02 11.91 -26.43
N PHE C 155 26.90 12.03 -27.75
CA PHE C 155 27.40 11.00 -28.67
C PHE C 155 28.78 11.30 -29.23
N HIS C 156 29.38 12.45 -28.87
CA HIS C 156 30.66 12.89 -29.39
C HIS C 156 30.68 12.89 -30.92
N SER C 157 29.60 13.41 -31.52
CA SER C 157 29.46 13.39 -32.96
C SER C 157 28.59 14.58 -33.38
N GLU C 158 28.94 15.19 -34.50
CA GLU C 158 28.14 16.25 -35.09
C GLU C 158 26.74 15.70 -35.43
N PHE C 159 25.81 16.61 -35.73
CA PHE C 159 24.39 16.24 -35.72
C PHE C 159 23.93 15.54 -36.99
N GLU C 160 24.59 15.77 -38.13
CA GLU C 160 24.19 15.03 -39.33
C GLU C 160 24.56 13.56 -39.22
N GLU C 161 25.75 13.25 -38.70
CA GLU C 161 26.17 11.86 -38.55
C GLU C 161 25.27 11.11 -37.57
N ILE C 162 24.73 11.81 -36.55
CA ILE C 162 23.80 11.19 -35.62
C ILE C 162 22.36 11.28 -36.08
N ASN C 163 22.10 12.06 -37.13
CA ASN C 163 20.79 12.12 -37.75
C ASN C 163 20.70 11.13 -38.92
N ARG C 164 21.80 10.97 -39.65
CA ARG C 164 21.83 10.03 -40.75
C ARG C 164 21.84 8.58 -40.29
N VAL C 165 21.84 8.32 -38.99
CA VAL C 165 22.16 6.99 -38.48
C VAL C 165 21.18 6.60 -37.39
N LEU C 166 20.73 7.56 -36.60
CA LEU C 166 19.85 7.27 -35.47
C LEU C 166 18.42 7.75 -35.67
N LEU C 167 18.22 9.02 -35.99
CA LEU C 167 16.88 9.56 -36.03
C LEU C 167 16.31 9.51 -37.45
N GLY C 168 17.05 10.00 -38.44
CA GLY C 168 16.59 10.00 -39.81
C GLY C 168 15.49 11.01 -40.08
N GLU C 169 15.86 12.26 -40.32
CA GLU C 169 14.88 13.34 -40.46
C GLU C 169 14.57 13.70 -41.93
N GLN C 173 11.47 7.28 -45.28
CA GLN C 173 12.01 6.74 -46.52
C GLN C 173 13.21 5.82 -46.24
N ARG C 174 14.09 6.26 -45.34
CA ARG C 174 15.13 5.41 -44.80
C ARG C 174 14.62 4.58 -43.63
N GLN C 175 13.51 4.99 -43.01
CA GLN C 175 13.02 4.47 -41.75
C GLN C 175 11.75 3.66 -41.96
N GLN C 176 11.58 2.65 -41.11
CA GLN C 176 10.51 1.68 -41.27
C GLN C 176 9.14 2.33 -41.11
N GLU C 177 8.13 1.49 -41.39
CA GLU C 177 6.74 1.91 -41.42
C GLU C 177 6.07 1.82 -40.06
N GLY C 178 6.53 0.93 -39.18
CA GLY C 178 5.82 0.71 -37.94
C GLY C 178 6.70 0.20 -36.83
N VAL C 179 6.07 -0.05 -35.68
CA VAL C 179 6.79 -0.57 -34.53
C VAL C 179 6.63 -2.09 -34.50
N ILE C 180 6.07 -2.65 -35.57
CA ILE C 180 6.07 -4.10 -35.81
C ILE C 180 6.46 -4.28 -37.27
N VAL C 181 7.64 -4.83 -37.53
CA VAL C 181 8.13 -4.98 -38.89
C VAL C 181 8.54 -6.43 -39.14
N GLU C 182 8.72 -6.75 -40.43
CA GLU C 182 9.07 -8.09 -40.87
C GLU C 182 10.56 -8.35 -40.70
N LEU C 183 10.91 -9.62 -40.77
CA LEU C 183 12.27 -10.08 -40.54
C LEU C 183 12.68 -11.03 -41.66
N SER C 184 13.98 -11.22 -41.77
CA SER C 184 14.52 -12.24 -42.65
C SER C 184 14.77 -13.52 -41.86
N LYS C 185 14.75 -14.65 -42.57
CA LYS C 185 14.95 -15.95 -41.94
C LYS C 185 16.36 -16.07 -41.39
N GLU C 186 17.35 -15.50 -42.11
CA GLU C 186 18.72 -15.45 -41.61
C GLU C 186 18.82 -14.64 -40.31
N GLN C 187 17.99 -13.60 -40.17
CA GLN C 187 17.91 -12.88 -38.90
C GLN C 187 17.31 -13.77 -37.81
N ILE C 188 16.08 -14.24 -38.03
CA ILE C 188 15.37 -15.06 -37.05
C ILE C 188 16.16 -16.30 -36.68
N ARG C 189 16.94 -16.84 -37.63
CA ARG C 189 17.86 -17.93 -37.35
C ARG C 189 18.95 -17.51 -36.35
N GLN C 190 19.59 -16.34 -36.59
CA GLN C 190 20.63 -15.86 -35.68
C GLN C 190 20.07 -15.42 -34.33
N LEU C 191 18.95 -14.70 -34.36
CA LEU C 191 18.29 -14.25 -33.14
C LEU C 191 17.99 -15.40 -32.18
N SER C 192 17.34 -16.45 -32.68
CA SER C 192 16.71 -17.53 -31.91
C SER C 192 17.69 -18.45 -31.17
N ARG C 193 19.01 -18.21 -31.19
CA ARG C 193 19.97 -19.15 -30.60
C ARG C 193 20.72 -18.49 -29.45
N ARG C 194 20.06 -18.44 -28.27
CA ARG C 194 20.64 -18.12 -26.97
C ARG C 194 19.54 -17.88 -25.94
N ALA C 195 18.31 -18.26 -26.30
CA ALA C 195 17.11 -17.91 -25.53
C ALA C 195 16.72 -19.06 -24.60
N LYS C 196 17.05 -18.92 -23.31
CA LYS C 196 16.63 -19.88 -22.29
C LYS C 196 15.11 -20.03 -22.27
N SER C 197 14.61 -21.26 -22.31
CA SER C 197 13.17 -21.50 -22.39
C SER C 197 12.66 -22.09 -21.08
N SER C 198 11.33 -22.24 -21.00
CA SER C 198 10.64 -22.67 -19.80
C SER C 198 10.80 -24.18 -19.56
N SER C 199 10.72 -24.58 -18.29
CA SER C 199 10.95 -25.98 -17.91
C SER C 199 10.07 -26.35 -16.73
N ARG C 200 10.15 -27.62 -16.31
CA ARG C 200 9.51 -28.05 -15.07
C ARG C 200 10.16 -27.39 -13.86
N LYS C 201 11.50 -27.22 -13.91
CA LYS C 201 12.28 -26.64 -12.82
C LYS C 201 12.19 -25.12 -12.79
N THR C 202 11.24 -24.53 -13.50
CA THR C 202 11.06 -23.08 -13.49
C THR C 202 9.79 -22.65 -12.76
N ILE C 203 8.98 -23.60 -12.29
CA ILE C 203 7.75 -23.33 -11.55
C ILE C 203 8.03 -22.42 -10.35
N SER C 204 9.30 -22.31 -9.93
CA SER C 204 9.67 -21.56 -8.72
C SER C 204 10.96 -20.75 -8.92
N SER C 205 11.07 -20.05 -10.06
CA SER C 205 12.25 -19.23 -10.35
C SER C 205 11.87 -17.75 -10.38
N GLU C 206 12.77 -16.91 -9.87
CA GLU C 206 12.52 -15.48 -9.80
C GLU C 206 12.84 -14.77 -11.12
N ASP C 207 13.55 -15.42 -12.03
CA ASP C 207 13.89 -14.85 -13.33
C ASP C 207 13.04 -15.47 -14.44
N GLU C 208 13.27 -16.78 -14.76
CA GLU C 208 12.87 -17.43 -16.00
C GLU C 208 11.36 -17.70 -16.09
N PRO C 209 10.81 -17.71 -17.29
CA PRO C 209 9.36 -17.88 -17.43
C PRO C 209 8.91 -19.26 -17.01
N PHE C 210 7.79 -19.30 -16.31
CA PHE C 210 7.14 -20.50 -15.82
C PHE C 210 5.92 -20.77 -16.69
N ASN C 211 5.52 -22.04 -16.76
CA ASN C 211 4.35 -22.45 -17.52
C ASN C 211 3.23 -22.87 -16.57
N LEU C 212 2.03 -22.36 -16.81
CA LEU C 212 0.90 -22.63 -15.95
C LEU C 212 0.49 -24.11 -16.03
N ARG C 213 0.38 -24.64 -17.26
CA ARG C 213 -0.22 -25.94 -17.49
C ARG C 213 0.74 -27.11 -17.22
N SER C 214 2.04 -26.84 -17.11
CA SER C 214 3.07 -27.87 -16.97
C SER C 214 2.95 -28.67 -15.68
N ARG C 215 1.98 -28.34 -14.83
CA ARG C 215 1.67 -29.15 -13.65
C ARG C 215 0.24 -29.67 -13.77
N ASN C 216 -0.06 -30.72 -13.01
CA ASN C 216 -1.44 -31.19 -12.93
C ASN C 216 -2.35 -30.03 -12.56
N PRO C 217 -3.51 -29.88 -13.20
CA PRO C 217 -4.46 -28.86 -12.74
C PRO C 217 -4.84 -29.11 -11.29
N ILE C 218 -5.53 -28.14 -10.70
CA ILE C 218 -6.08 -28.37 -9.37
C ILE C 218 -7.47 -28.98 -9.46
N TYR C 219 -8.23 -28.65 -10.51
CA TYR C 219 -9.53 -29.23 -10.78
C TYR C 219 -9.51 -29.84 -12.18
N SER C 220 -9.81 -31.13 -12.28
CA SER C 220 -9.82 -31.80 -13.57
C SER C 220 -10.86 -32.90 -13.54
N ASN C 221 -11.67 -32.96 -14.60
CA ASN C 221 -12.57 -34.09 -14.81
C ASN C 221 -12.90 -34.14 -16.30
N ASN C 222 -13.93 -34.91 -16.65
CA ASN C 222 -14.27 -35.11 -18.06
C ASN C 222 -14.99 -33.91 -18.67
N PHE C 223 -15.31 -32.87 -17.89
CA PHE C 223 -15.99 -31.69 -18.38
C PHE C 223 -15.13 -30.42 -18.35
N GLY C 224 -13.94 -30.47 -17.77
CA GLY C 224 -13.10 -29.28 -17.67
C GLY C 224 -11.84 -29.56 -16.87
N LYS C 225 -10.93 -28.58 -16.94
CA LYS C 225 -9.66 -28.62 -16.23
C LYS C 225 -9.35 -27.21 -15.75
N PHE C 226 -8.75 -27.11 -14.57
CA PHE C 226 -8.53 -25.82 -13.88
C PHE C 226 -7.07 -25.74 -13.48
N PHE C 227 -6.26 -25.09 -14.32
CA PHE C 227 -4.86 -24.90 -13.99
C PHE C 227 -4.71 -23.63 -13.15
N GLU C 228 -3.85 -23.70 -12.13
CA GLU C 228 -3.70 -22.55 -11.23
C GLU C 228 -2.31 -22.55 -10.61
N ILE C 229 -1.64 -21.40 -10.70
CA ILE C 229 -0.44 -21.13 -9.91
C ILE C 229 -0.73 -19.93 -9.02
N THR C 230 -0.21 -19.97 -7.80
CA THR C 230 -0.48 -18.97 -6.78
C THR C 230 0.80 -18.33 -6.28
N PRO C 231 0.70 -17.19 -5.55
CA PRO C 231 1.88 -16.57 -4.93
C PRO C 231 2.70 -17.50 -4.05
N GLU C 232 2.07 -18.58 -3.57
CA GLU C 232 2.76 -19.46 -2.64
C GLU C 232 3.78 -20.35 -3.34
N LYS C 233 3.66 -20.53 -4.65
CA LYS C 233 4.52 -21.45 -5.37
C LYS C 233 5.59 -20.74 -6.18
N ASN C 234 5.29 -19.53 -6.66
CA ASN C 234 6.14 -18.78 -7.60
C ASN C 234 6.52 -17.42 -7.04
N PRO C 235 7.82 -17.13 -6.85
CA PRO C 235 8.19 -15.81 -6.28
C PRO C 235 7.78 -14.61 -7.12
N GLN C 236 8.01 -14.64 -8.44
CA GLN C 236 7.57 -13.57 -9.32
C GLN C 236 6.11 -13.19 -9.07
N LEU C 237 5.26 -14.18 -8.76
CA LEU C 237 3.87 -13.86 -8.46
C LEU C 237 3.67 -13.42 -7.02
N ARG C 238 4.53 -13.89 -6.12
CA ARG C 238 4.48 -13.39 -4.75
C ARG C 238 4.73 -11.89 -4.72
N ASP C 239 5.65 -11.42 -5.56
CA ASP C 239 5.98 -10.00 -5.59
C ASP C 239 4.77 -9.16 -5.99
N LEU C 240 4.03 -9.58 -7.02
CA LEU C 240 2.84 -8.85 -7.42
C LEU C 240 1.58 -9.25 -6.65
N ASP C 241 1.63 -10.33 -5.88
CA ASP C 241 0.46 -10.91 -5.21
C ASP C 241 -0.67 -11.17 -6.20
N ILE C 242 -0.41 -12.08 -7.15
CA ILE C 242 -1.38 -12.42 -8.19
C ILE C 242 -1.35 -13.93 -8.42
N PHE C 243 -2.54 -14.55 -8.57
CA PHE C 243 -2.56 -15.92 -9.07
C PHE C 243 -2.89 -15.93 -10.55
N LEU C 244 -2.38 -16.95 -11.23
CA LEU C 244 -2.59 -17.12 -12.65
C LEU C 244 -3.26 -18.48 -12.89
N SER C 245 -4.36 -18.46 -13.64
CA SER C 245 -5.17 -19.65 -13.87
C SER C 245 -5.68 -19.68 -15.31
N SER C 246 -5.55 -20.85 -15.93
CA SER C 246 -6.08 -21.12 -17.27
C SER C 246 -7.01 -22.32 -17.16
N VAL C 247 -8.30 -22.12 -17.42
CA VAL C 247 -9.28 -23.19 -17.27
C VAL C 247 -10.03 -23.38 -18.58
N ASP C 248 -10.20 -24.64 -18.97
CA ASP C 248 -10.90 -25.06 -20.18
C ASP C 248 -12.29 -25.58 -19.79
N ILE C 249 -13.32 -25.18 -20.53
CA ILE C 249 -14.66 -25.67 -20.25
C ILE C 249 -15.28 -26.23 -21.54
N ASN C 250 -15.48 -27.56 -21.56
CA ASN C 250 -16.08 -28.24 -22.70
C ASN C 250 -17.51 -27.75 -22.94
N GLU C 251 -17.90 -27.63 -24.21
CA GLU C 251 -19.25 -27.17 -24.52
C GLU C 251 -20.30 -28.09 -23.92
N GLY C 252 -21.43 -27.51 -23.54
CA GLY C 252 -22.40 -28.15 -22.66
C GLY C 252 -22.14 -27.98 -21.16
N ALA C 253 -20.87 -28.03 -20.74
CA ALA C 253 -20.51 -28.04 -19.33
C ALA C 253 -20.47 -26.62 -18.75
N LEU C 254 -20.44 -26.54 -17.42
CA LEU C 254 -20.32 -25.27 -16.73
C LEU C 254 -19.55 -25.45 -15.42
N LEU C 255 -18.99 -24.31 -14.95
CA LEU C 255 -18.25 -24.19 -13.69
C LEU C 255 -19.22 -23.89 -12.54
N LEU C 256 -19.12 -24.66 -11.47
CA LEU C 256 -20.17 -24.66 -10.45
C LEU C 256 -20.14 -23.36 -9.65
N PRO C 257 -21.30 -22.73 -9.42
CA PRO C 257 -21.32 -21.42 -8.76
C PRO C 257 -20.48 -21.40 -7.50
N HIS C 258 -19.63 -20.38 -7.41
CA HIS C 258 -18.60 -20.29 -6.39
C HIS C 258 -18.21 -18.83 -6.24
N PHE C 259 -17.41 -18.58 -5.20
CA PHE C 259 -16.85 -17.27 -4.94
C PHE C 259 -15.41 -17.44 -4.50
N ASN C 260 -14.57 -16.49 -4.89
CA ASN C 260 -13.23 -16.39 -4.33
C ASN C 260 -13.30 -15.67 -2.99
N SER C 261 -12.47 -16.12 -2.04
CA SER C 261 -12.57 -15.61 -0.67
C SER C 261 -12.22 -14.13 -0.60
N LYS C 262 -11.07 -13.72 -1.18
CA LYS C 262 -10.56 -12.36 -1.01
C LYS C 262 -9.90 -11.81 -2.26
N ALA C 263 -10.10 -12.44 -3.41
CA ALA C 263 -9.38 -12.08 -4.64
C ALA C 263 -10.35 -11.49 -5.65
N ILE C 264 -9.93 -10.41 -6.31
CA ILE C 264 -10.67 -9.79 -7.40
C ILE C 264 -10.14 -10.38 -8.69
N VAL C 265 -11.01 -11.09 -9.42
CA VAL C 265 -10.58 -11.87 -10.57
C VAL C 265 -10.88 -11.10 -11.85
N ILE C 266 -9.86 -11.01 -12.71
CA ILE C 266 -9.93 -10.45 -14.05
C ILE C 266 -9.80 -11.63 -15.00
N LEU C 267 -10.88 -11.98 -15.70
CA LEU C 267 -10.86 -13.05 -16.70
C LEU C 267 -11.07 -12.47 -18.09
N VAL C 268 -10.23 -12.89 -19.01
CA VAL C 268 -10.25 -12.47 -20.40
C VAL C 268 -10.46 -13.74 -21.20
N ILE C 269 -11.61 -13.83 -21.87
CA ILE C 269 -11.91 -15.04 -22.63
C ILE C 269 -10.90 -15.19 -23.74
N ASN C 270 -10.28 -16.36 -23.81
CA ASN C 270 -9.34 -16.59 -24.90
C ASN C 270 -10.00 -17.25 -26.11
N GLU C 271 -10.74 -18.34 -25.89
CA GLU C 271 -11.38 -19.05 -26.99
C GLU C 271 -12.76 -19.51 -26.59
N GLY C 272 -13.69 -19.40 -27.52
CA GLY C 272 -15.04 -19.85 -27.28
C GLY C 272 -15.97 -18.72 -26.92
N ASP C 273 -17.16 -19.13 -26.46
CA ASP C 273 -18.18 -18.25 -25.92
C ASP C 273 -18.55 -18.74 -24.53
N ALA C 274 -19.32 -17.94 -23.81
CA ALA C 274 -19.80 -18.33 -22.49
C ALA C 274 -20.81 -17.30 -22.00
N ASN C 275 -21.71 -17.79 -21.15
CA ASN C 275 -22.56 -16.93 -20.35
C ASN C 275 -22.01 -16.90 -18.93
N ILE C 276 -22.32 -15.84 -18.20
CA ILE C 276 -21.77 -15.67 -16.86
C ILE C 276 -22.81 -14.97 -16.01
N GLU C 277 -23.02 -15.50 -14.81
CA GLU C 277 -23.97 -14.95 -13.86
C GLU C 277 -23.23 -14.62 -12.59
N LEU C 278 -23.35 -13.37 -12.16
CA LEU C 278 -22.70 -12.86 -10.95
C LEU C 278 -23.77 -12.30 -10.04
N VAL C 279 -23.61 -12.50 -8.72
CA VAL C 279 -24.60 -12.02 -7.75
C VAL C 279 -23.94 -11.07 -6.76
N GLY C 280 -24.55 -9.89 -6.57
CA GLY C 280 -24.21 -8.94 -5.52
C GLY C 280 -25.46 -8.39 -4.87
N ILE C 281 -25.37 -7.31 -4.09
CA ILE C 281 -26.52 -6.92 -3.25
C ILE C 281 -27.34 -5.74 -3.82
N GLU C 296 -31.61 -7.69 -0.70
CA GLU C 296 -32.15 -8.09 -2.00
C GLU C 296 -30.99 -8.33 -2.98
N VAL C 297 -30.94 -9.53 -3.56
CA VAL C 297 -29.80 -9.96 -4.38
C VAL C 297 -29.83 -9.21 -5.71
N GLN C 298 -28.79 -9.36 -6.54
CA GLN C 298 -28.80 -8.79 -7.88
C GLN C 298 -27.93 -9.63 -8.82
N ARG C 299 -28.53 -10.07 -9.94
CA ARG C 299 -27.84 -10.90 -10.94
C ARG C 299 -27.15 -9.99 -11.95
N TYR C 300 -25.88 -10.27 -12.22
CA TYR C 300 -25.12 -9.58 -13.26
C TYR C 300 -24.81 -10.63 -14.32
N ARG C 301 -25.70 -10.74 -15.30
CA ARG C 301 -25.43 -11.64 -16.39
C ARG C 301 -24.82 -10.85 -17.55
N ALA C 302 -24.13 -11.57 -18.42
CA ALA C 302 -23.57 -10.98 -19.63
C ALA C 302 -23.08 -12.11 -20.52
N GLU C 303 -23.08 -11.84 -21.83
CA GLU C 303 -22.83 -12.87 -22.84
C GLU C 303 -21.46 -12.58 -23.44
N LEU C 304 -20.45 -13.34 -22.99
CA LEU C 304 -19.07 -13.09 -23.38
C LEU C 304 -18.71 -13.92 -24.60
N SER C 305 -18.03 -13.29 -25.54
CA SER C 305 -17.39 -14.02 -26.62
C SER C 305 -15.88 -13.87 -26.48
N GLU C 306 -15.16 -14.24 -27.53
CA GLU C 306 -13.71 -14.12 -27.52
C GLU C 306 -13.26 -12.69 -27.33
N ASP C 307 -12.14 -12.53 -26.60
CA ASP C 307 -11.43 -11.29 -26.34
C ASP C 307 -12.16 -10.35 -25.39
N ASP C 308 -13.35 -10.69 -24.93
CA ASP C 308 -13.99 -9.88 -23.92
C ASP C 308 -13.30 -10.08 -22.57
N VAL C 309 -13.70 -9.25 -21.62
CA VAL C 309 -13.16 -9.26 -20.26
C VAL C 309 -14.34 -9.18 -19.31
N PHE C 310 -14.26 -9.93 -18.23
CA PHE C 310 -15.21 -9.85 -17.13
C PHE C 310 -14.40 -9.78 -15.84
N VAL C 311 -14.91 -9.02 -14.87
CA VAL C 311 -14.26 -8.91 -13.56
C VAL C 311 -15.28 -9.24 -12.47
N ILE C 312 -14.86 -10.08 -11.54
CA ILE C 312 -15.67 -10.61 -10.44
C ILE C 312 -15.14 -9.99 -9.15
N PRO C 313 -15.92 -9.15 -8.46
CA PRO C 313 -15.50 -8.66 -7.15
C PRO C 313 -15.29 -9.80 -6.16
N ALA C 314 -14.58 -9.47 -5.08
CA ALA C 314 -14.28 -10.45 -4.04
C ALA C 314 -15.56 -10.95 -3.41
N ALA C 315 -15.57 -12.23 -3.03
CA ALA C 315 -16.71 -12.90 -2.40
C ALA C 315 -18.03 -12.69 -3.17
N TYR C 316 -17.94 -12.48 -4.48
CA TYR C 316 -19.09 -12.34 -5.34
C TYR C 316 -19.26 -13.67 -6.05
N PRO C 317 -20.34 -14.42 -5.80
CA PRO C 317 -20.50 -15.74 -6.44
C PRO C 317 -20.91 -15.63 -7.90
N PHE C 318 -20.29 -16.46 -8.72
CA PHE C 318 -20.56 -16.37 -10.14
C PHE C 318 -20.55 -17.76 -10.78
N VAL C 319 -21.24 -17.86 -11.91
CA VAL C 319 -21.25 -19.08 -12.71
C VAL C 319 -20.72 -18.73 -14.09
N VAL C 320 -19.91 -19.63 -14.64
CA VAL C 320 -19.44 -19.57 -16.02
C VAL C 320 -20.00 -20.78 -16.76
N ASN C 321 -20.80 -20.50 -17.82
CA ASN C 321 -21.57 -21.50 -18.59
C ASN C 321 -21.10 -21.51 -20.05
N ALA C 322 -20.28 -22.48 -20.42
CA ALA C 322 -19.67 -22.51 -21.75
C ALA C 322 -20.71 -22.95 -22.78
N THR C 323 -21.07 -22.04 -23.69
CA THR C 323 -21.94 -22.31 -24.82
C THR C 323 -21.16 -22.51 -26.11
N SER C 324 -19.98 -23.12 -25.98
CA SER C 324 -19.06 -23.56 -27.03
C SER C 324 -17.80 -23.97 -26.29
N ASN C 325 -16.87 -24.59 -27.02
CA ASN C 325 -15.59 -24.99 -26.42
C ASN C 325 -14.81 -23.77 -25.95
N LEU C 326 -14.43 -23.76 -24.67
CA LEU C 326 -14.04 -22.53 -23.98
C LEU C 326 -12.76 -22.69 -23.19
N ASN C 327 -11.85 -21.73 -23.37
CA ASN C 327 -10.71 -21.55 -22.48
C ASN C 327 -10.50 -20.07 -22.19
N PHE C 328 -10.38 -19.72 -20.92
CA PHE C 328 -10.10 -18.36 -20.55
C PHE C 328 -8.85 -18.31 -19.68
N LEU C 329 -8.31 -17.11 -19.56
CA LEU C 329 -7.23 -16.81 -18.63
C LEU C 329 -7.78 -15.89 -17.55
N ALA C 330 -7.29 -16.09 -16.32
CA ALA C 330 -7.68 -15.24 -15.20
C ALA C 330 -6.45 -14.57 -14.55
N PHE C 331 -6.70 -13.41 -13.93
CA PHE C 331 -5.74 -12.73 -13.09
C PHE C 331 -6.38 -12.57 -11.71
N GLY C 332 -5.73 -13.13 -10.69
CA GLY C 332 -6.24 -12.94 -9.34
C GLY C 332 -5.54 -11.85 -8.54
N ILE C 333 -6.19 -10.68 -8.47
CA ILE C 333 -5.65 -9.54 -7.72
C ILE C 333 -5.94 -9.76 -6.25
N ASN C 334 -4.93 -9.53 -5.39
CA ASN C 334 -5.02 -9.75 -3.95
C ASN C 334 -5.07 -11.25 -3.63
N ALA C 335 -4.11 -11.99 -4.18
CA ALA C 335 -4.19 -13.44 -4.28
C ALA C 335 -3.56 -14.21 -3.11
N GLU C 336 -3.05 -13.56 -2.09
CA GLU C 336 -2.38 -14.30 -1.02
C GLU C 336 -3.40 -15.02 -0.15
N ASN C 337 -3.25 -16.35 -0.02
CA ASN C 337 -4.10 -17.20 0.83
C ASN C 337 -5.58 -17.14 0.44
N ASN C 338 -5.84 -17.11 -0.86
CA ASN C 338 -7.21 -17.08 -1.33
C ASN C 338 -7.80 -18.48 -1.37
N GLN C 339 -9.10 -18.58 -1.08
CA GLN C 339 -9.79 -19.86 -1.02
C GLN C 339 -11.01 -19.84 -1.93
N ARG C 340 -11.09 -20.80 -2.83
CA ARG C 340 -12.28 -20.95 -3.67
C ARG C 340 -13.33 -21.74 -2.90
N ASN C 341 -14.47 -21.10 -2.64
CA ASN C 341 -15.62 -21.76 -2.03
C ASN C 341 -16.64 -22.04 -3.13
N PHE C 342 -16.96 -23.32 -3.36
CA PHE C 342 -18.04 -23.73 -4.24
C PHE C 342 -19.32 -23.87 -3.45
N LEU C 343 -20.44 -23.75 -4.16
CA LEU C 343 -21.76 -23.84 -3.56
C LEU C 343 -22.57 -25.06 -4.00
N ALA C 344 -22.07 -25.86 -4.93
CA ALA C 344 -22.73 -27.10 -5.35
C ALA C 344 -21.66 -28.10 -5.74
N GLY C 345 -22.02 -29.35 -5.78
CA GLY C 345 -21.06 -30.39 -6.07
C GLY C 345 -20.54 -31.04 -4.80
N GLU C 346 -19.64 -31.99 -5.02
CA GLU C 346 -19.21 -32.86 -3.92
C GLU C 346 -18.05 -32.22 -3.16
N LYS C 347 -16.87 -32.17 -3.77
CA LYS C 347 -15.70 -31.65 -3.08
C LYS C 347 -15.69 -30.13 -3.05
N ASP C 348 -15.32 -29.58 -1.90
CA ASP C 348 -15.14 -28.13 -1.70
C ASP C 348 -16.47 -27.38 -1.72
N ASN C 349 -17.50 -27.99 -1.14
CA ASN C 349 -18.75 -27.30 -0.91
C ASN C 349 -18.71 -26.64 0.47
N VAL C 350 -19.11 -25.37 0.54
CA VAL C 350 -19.21 -24.70 1.85
C VAL C 350 -20.57 -24.95 2.47
N VAL C 351 -21.63 -25.00 1.65
CA VAL C 351 -22.99 -25.23 2.14
C VAL C 351 -23.16 -26.63 2.72
N ARG C 352 -22.25 -27.55 2.39
CA ARG C 352 -22.32 -28.91 2.91
C ARG C 352 -21.38 -29.12 4.08
N GLN C 353 -20.88 -28.03 4.66
CA GLN C 353 -20.02 -28.08 5.83
C GLN C 353 -20.66 -27.47 7.06
N ILE C 354 -21.68 -26.63 6.86
CA ILE C 354 -22.45 -26.09 7.96
C ILE C 354 -22.97 -27.22 8.84
N GLU C 355 -23.05 -26.98 10.14
CA GLU C 355 -23.68 -27.96 11.02
C GLU C 355 -25.09 -28.27 10.53
N ARG C 356 -25.51 -29.53 10.76
CA ARG C 356 -26.83 -29.97 10.32
C ARG C 356 -27.94 -29.12 10.93
N GLN C 357 -27.92 -28.97 12.26
CA GLN C 357 -28.98 -28.19 12.91
C GLN C 357 -29.07 -26.76 12.38
N VAL C 358 -27.97 -26.20 11.85
CA VAL C 358 -28.03 -24.87 11.27
C VAL C 358 -28.66 -24.91 9.88
N GLN C 359 -28.27 -25.88 9.05
CA GLN C 359 -28.93 -26.07 7.76
C GLN C 359 -30.45 -26.16 7.92
N GLU C 360 -30.92 -26.94 8.90
CA GLU C 360 -32.31 -26.91 9.34
C GLU C 360 -32.81 -25.47 9.47
N LEU C 361 -32.00 -24.61 10.12
CA LEU C 361 -32.41 -23.25 10.47
C LEU C 361 -32.21 -22.28 9.31
N ALA C 362 -31.28 -22.59 8.41
CA ALA C 362 -30.91 -21.64 7.37
C ALA C 362 -31.94 -21.59 6.25
N PHE C 363 -32.43 -22.76 5.81
CA PHE C 363 -33.43 -22.84 4.78
C PHE C 363 -34.68 -23.52 5.32
N PRO C 364 -35.85 -23.20 4.74
CA PRO C 364 -37.08 -23.90 5.14
C PRO C 364 -36.99 -25.33 4.68
N GLY C 365 -36.63 -26.19 5.59
CA GLY C 365 -36.41 -27.59 5.27
C GLY C 365 -36.01 -28.32 6.52
N SER C 366 -35.91 -29.63 6.37
CA SER C 366 -35.48 -30.50 7.44
C SER C 366 -34.01 -30.85 7.23
N ALA C 367 -33.32 -31.18 8.33
CA ALA C 367 -31.93 -31.60 8.23
C ALA C 367 -31.77 -32.73 7.22
N GLN C 368 -32.61 -33.76 7.36
CA GLN C 368 -32.61 -34.83 6.36
C GLN C 368 -33.05 -34.32 4.99
N ASP C 369 -33.99 -33.36 4.97
CA ASP C 369 -34.50 -32.89 3.69
C ASP C 369 -33.51 -31.97 2.97
N VAL C 370 -32.74 -31.15 3.70
CA VAL C 370 -31.65 -30.41 3.08
C VAL C 370 -30.49 -31.35 2.75
N GLU C 371 -30.19 -32.31 3.63
CA GLU C 371 -29.17 -33.33 3.36
C GLU C 371 -29.51 -34.12 2.10
N ARG C 372 -30.80 -34.25 1.77
CA ARG C 372 -31.16 -34.92 0.54
C ARG C 372 -30.70 -34.11 -0.67
N LEU C 373 -31.00 -32.80 -0.70
CA LEU C 373 -30.70 -32.00 -1.88
C LEU C 373 -29.20 -31.78 -2.09
N LEU C 374 -28.42 -31.63 -1.02
CA LEU C 374 -27.02 -31.30 -1.19
C LEU C 374 -26.16 -32.50 -1.61
N LYS C 375 -26.64 -33.72 -1.43
CA LYS C 375 -25.89 -34.91 -1.80
C LYS C 375 -26.20 -35.41 -3.21
N LYS C 376 -27.32 -34.97 -3.80
CA LYS C 376 -27.72 -35.44 -5.13
C LYS C 376 -26.59 -35.28 -6.14
N GLN C 377 -26.19 -34.04 -6.40
CA GLN C 377 -25.12 -33.76 -7.36
C GLN C 377 -23.86 -34.51 -6.96
N ARG C 378 -23.58 -35.60 -7.64
CA ARG C 378 -22.47 -36.46 -7.23
C ARG C 378 -21.12 -35.90 -7.62
N GLU C 379 -21.06 -35.00 -8.60
CA GLU C 379 -19.81 -34.52 -9.16
C GLU C 379 -19.47 -33.14 -8.61
N SER C 380 -18.18 -32.80 -8.65
CA SER C 380 -17.70 -31.52 -8.14
C SER C 380 -17.03 -30.70 -9.25
N TYR C 381 -16.96 -29.39 -9.02
CA TYR C 381 -16.28 -28.38 -9.86
C TYR C 381 -16.99 -28.18 -11.19
N PHE C 382 -16.84 -29.15 -12.11
CA PHE C 382 -17.35 -29.04 -13.47
C PHE C 382 -18.42 -30.10 -13.73
N VAL C 383 -19.66 -29.66 -13.92
CA VAL C 383 -20.76 -30.56 -14.25
C VAL C 383 -21.19 -30.32 -15.70
N ASP C 384 -22.23 -31.03 -16.13
CA ASP C 384 -22.73 -31.01 -17.50
C ASP C 384 -24.12 -30.39 -17.56
N ALA C 385 -24.41 -29.73 -18.68
CA ALA C 385 -25.73 -29.15 -18.95
C ALA C 385 -26.26 -29.59 -20.31
#